data_8GI4
#
_entry.id   8GI4
#
_cell.length_a   80.950
_cell.length_b   83.028
_cell.length_c   83.080
_cell.angle_alpha   90.00
_cell.angle_beta   96.58
_cell.angle_gamma   90.00
#
_symmetry.space_group_name_H-M   'P 1 21 1'
#
loop_
_entity.id
_entity.type
_entity.pdbx_description
1 polymer 'LIM domain kinase 2'
2 water water
#
_entity_poly.entity_id   1
_entity_poly.type   'polypeptide(L)'
_entity_poly.pdbx_seq_one_letter_code
;GSLAPMFERLSTESVQEQLPYSVTLISMPATTEGRRGFSVSVESASSNYATTVQVKEVNRMHISPNNRNAIHPGDRILEI
NGTPVRTLRVEEVEDAISQTSQTLQLLIEHDPVSQRLDQLRLE
;
_entity_poly.pdbx_strand_id   A,B,C,D,E,F,G,H
#
# COMPACT_ATOMS: atom_id res chain seq x y z
N GLN A 18 24.62 -2.14 42.64
CA GLN A 18 24.89 -0.75 42.96
C GLN A 18 23.80 0.13 42.36
N LEU A 19 23.70 0.13 41.00
CA LEU A 19 22.70 0.83 40.22
C LEU A 19 21.44 -0.01 40.08
N PRO A 20 20.28 0.63 39.90
CA PRO A 20 19.03 -0.14 39.77
C PRO A 20 18.99 -0.97 38.52
N TYR A 21 18.48 -2.19 38.65
CA TYR A 21 18.28 -3.12 37.55
C TYR A 21 16.79 -3.31 37.35
N SER A 22 16.27 -2.85 36.21
CA SER A 22 14.84 -2.80 35.95
C SER A 22 14.49 -3.68 34.75
N VAL A 23 13.37 -4.38 34.86
CA VAL A 23 12.87 -5.28 33.82
C VAL A 23 11.39 -5.00 33.62
N THR A 24 10.98 -4.83 32.37
CA THR A 24 9.60 -4.46 32.04
C THR A 24 9.04 -5.43 31.02
N LEU A 25 7.81 -5.89 31.25
CA LEU A 25 7.08 -6.74 30.33
C LEU A 25 5.99 -5.90 29.66
N ILE A 26 6.03 -5.82 28.33
CA ILE A 26 5.05 -5.05 27.58
C ILE A 26 4.44 -5.93 26.49
N SER A 27 3.26 -5.53 26.03
CA SER A 27 2.59 -6.16 24.91
C SER A 27 2.29 -5.08 23.86
N MET A 28 2.85 -5.26 22.66
CA MET A 28 2.68 -4.29 21.59
C MET A 28 1.62 -4.79 20.62
N PRO A 29 0.51 -4.07 20.45
CA PRO A 29 -0.56 -4.55 19.56
C PRO A 29 -0.10 -4.60 18.11
N ALA A 30 -0.82 -5.40 17.33
CA ALA A 30 -0.58 -5.48 15.90
C ALA A 30 -0.71 -4.11 15.24
N THR A 31 0.11 -3.88 14.22
CA THR A 31 0.11 -2.63 13.48
C THR A 31 0.36 -2.94 12.01
N THR A 32 0.57 -1.89 11.21
CA THR A 32 0.81 -2.05 9.79
C THR A 32 2.29 -2.29 9.52
N GLU A 33 2.59 -2.69 8.27
CA GLU A 33 3.94 -3.09 7.89
C GLU A 33 4.94 -1.96 8.10
N GLY A 34 6.07 -2.29 8.72
CA GLY A 34 7.15 -1.35 8.93
C GLY A 34 6.99 -0.41 10.11
N ARG A 35 5.95 -0.57 10.92
CA ARG A 35 5.64 0.40 11.96
C ARG A 35 5.71 -0.18 13.37
N ARG A 36 6.50 -1.26 13.57
CA ARG A 36 6.68 -1.80 14.91
C ARG A 36 7.22 -0.76 15.87
N GLY A 37 8.04 0.16 15.39
CA GLY A 37 8.50 1.27 16.21
C GLY A 37 9.92 1.16 16.74
N PHE A 38 10.63 0.07 16.45
CA PHE A 38 12.01 -0.03 16.89
C PHE A 38 12.74 -1.06 16.04
N SER A 39 14.06 -0.94 16.03
CA SER A 39 14.96 -1.90 15.40
C SER A 39 15.92 -2.42 16.46
N VAL A 40 16.61 -3.52 16.12
CA VAL A 40 17.50 -4.18 17.07
C VAL A 40 18.85 -4.44 16.42
N SER A 41 19.86 -4.55 17.27
CA SER A 41 21.15 -5.10 16.89
C SER A 41 21.30 -6.45 17.58
N VAL A 42 21.45 -7.50 16.78
CA VAL A 42 21.49 -8.87 17.30
C VAL A 42 22.92 -9.37 17.19
N GLU A 43 23.50 -9.75 18.32
CA GLU A 43 24.83 -10.34 18.36
C GLU A 43 24.68 -11.85 18.50
N SER A 44 25.38 -12.59 17.63
CA SER A 44 25.29 -14.05 17.56
C SER A 44 26.71 -14.59 17.79
N ALA A 45 27.03 -14.87 19.05
CA ALA A 45 28.37 -15.36 19.38
C ALA A 45 28.65 -16.69 18.71
N SER A 46 27.86 -17.71 19.03
CA SER A 46 28.05 -19.04 18.48
C SER A 46 26.84 -19.43 17.63
N SER A 47 27.11 -20.22 16.60
CA SER A 47 26.10 -20.74 15.67
C SER A 47 25.28 -19.56 15.12
N ASN A 48 23.99 -19.77 14.88
CA ASN A 48 23.10 -18.73 14.39
C ASN A 48 22.07 -18.33 15.43
N TYR A 49 22.38 -18.52 16.71
CA TYR A 49 21.48 -18.13 17.79
C TYR A 49 21.74 -16.68 18.20
N ALA A 50 20.66 -16.01 18.60
CA ALA A 50 20.75 -14.65 19.09
C ALA A 50 21.28 -14.67 20.52
N THR A 51 22.53 -14.26 20.71
CA THR A 51 23.08 -14.21 22.06
C THR A 51 22.48 -13.07 22.87
N THR A 52 22.61 -11.85 22.36
CA THR A 52 21.99 -10.68 22.98
C THR A 52 21.22 -9.89 21.92
N VAL A 53 20.05 -9.40 22.31
CA VAL A 53 19.22 -8.58 21.45
C VAL A 53 19.12 -7.20 22.10
N GLN A 54 19.64 -6.18 21.42
CA GLN A 54 19.70 -4.83 21.96
C GLN A 54 18.91 -3.88 21.07
N VAL A 55 18.08 -3.05 21.68
CA VAL A 55 17.30 -2.07 20.93
C VAL A 55 18.24 -1.03 20.35
N LYS A 56 18.18 -0.84 19.04
CA LYS A 56 19.05 0.10 18.34
C LYS A 56 18.41 1.47 18.20
N GLU A 57 17.28 1.55 17.52
CA GLU A 57 16.57 2.80 17.28
C GLU A 57 15.12 2.66 17.72
N VAL A 58 14.52 3.79 18.10
CA VAL A 58 13.13 3.84 18.54
C VAL A 58 12.44 5.02 17.87
N ASN A 59 11.28 4.75 17.27
CA ASN A 59 10.41 5.79 16.71
C ASN A 59 9.18 5.85 17.61
N ARG A 60 9.18 6.83 18.52
CA ARG A 60 8.16 6.88 19.57
C ARG A 60 6.75 6.99 19.00
N MET A 61 6.60 7.73 17.89
CA MET A 61 5.27 7.93 17.33
C MET A 61 4.70 6.66 16.68
N HIS A 62 5.52 5.65 16.47
CA HIS A 62 5.02 4.35 16.00
C HIS A 62 4.63 3.42 17.12
N ILE A 63 4.87 3.81 18.37
CA ILE A 63 4.58 2.98 19.54
C ILE A 63 3.32 3.51 20.21
N SER A 64 2.48 2.59 20.67
CA SER A 64 1.25 2.98 21.35
C SER A 64 1.59 3.81 22.60
N PRO A 65 0.70 4.73 22.98
CA PRO A 65 0.99 5.62 24.13
C PRO A 65 1.38 4.87 25.40
N ASN A 66 0.73 3.74 25.70
CA ASN A 66 1.01 3.03 26.94
C ASN A 66 2.44 2.51 26.99
N ASN A 67 3.03 2.16 25.85
CA ASN A 67 4.36 1.59 25.80
C ASN A 67 5.44 2.58 25.34
N ARG A 68 5.05 3.82 25.03
CA ARG A 68 5.98 4.75 24.39
C ARG A 68 7.21 5.03 25.24
N ASN A 69 7.09 4.99 26.56
CA ASN A 69 8.20 5.24 27.46
C ASN A 69 8.75 3.97 28.11
N ALA A 70 8.45 2.81 27.53
CA ALA A 70 8.86 1.54 28.10
C ALA A 70 10.00 0.86 27.34
N ILE A 71 10.42 1.41 26.21
CA ILE A 71 11.49 0.83 25.40
C ILE A 71 12.36 1.96 24.87
N HIS A 72 13.66 1.86 25.10
CA HIS A 72 14.61 2.91 24.79
C HIS A 72 15.82 2.34 24.07
N PRO A 73 16.50 3.15 23.26
CA PRO A 73 17.77 2.70 22.68
C PRO A 73 18.75 2.27 23.77
N GLY A 74 19.43 1.15 23.52
CA GLY A 74 20.31 0.55 24.50
C GLY A 74 19.68 -0.49 25.39
N ASP A 75 18.35 -0.54 25.45
CA ASP A 75 17.67 -1.60 26.18
C ASP A 75 17.92 -2.95 25.51
N ARG A 76 17.92 -4.00 26.33
CA ARG A 76 18.08 -5.36 25.84
C ARG A 76 16.79 -6.14 25.97
N ILE A 77 16.44 -6.87 24.91
CA ILE A 77 15.26 -7.71 24.89
C ILE A 77 15.66 -9.09 25.39
N LEU A 78 15.12 -9.48 26.55
CA LEU A 78 15.45 -10.76 27.15
C LEU A 78 14.57 -11.90 26.62
N GLU A 79 13.30 -11.63 26.39
CA GLU A 79 12.37 -12.65 25.95
C GLU A 79 11.41 -12.07 24.92
N ILE A 80 11.07 -12.89 23.92
CA ILE A 80 10.11 -12.51 22.88
C ILE A 80 8.94 -13.48 22.95
N ASN A 81 7.76 -12.94 23.28
CA ASN A 81 6.55 -13.73 23.48
C ASN A 81 6.79 -14.89 24.46
N GLY A 82 7.57 -14.62 25.50
CA GLY A 82 7.83 -15.60 26.53
C GLY A 82 9.00 -16.52 26.28
N THR A 83 9.68 -16.40 25.14
CA THR A 83 10.81 -17.28 24.83
C THR A 83 12.12 -16.53 25.03
N PRO A 84 13.05 -17.06 25.80
CA PRO A 84 14.37 -16.41 25.93
C PRO A 84 15.08 -16.36 24.59
N VAL A 85 15.64 -15.19 24.28
CA VAL A 85 16.17 -14.94 22.94
C VAL A 85 17.38 -15.80 22.62
N ARG A 86 18.11 -16.28 23.63
CA ARG A 86 19.28 -17.10 23.37
C ARG A 86 18.94 -18.45 22.75
N THR A 87 17.68 -18.86 22.79
CA THR A 87 17.23 -20.10 22.16
C THR A 87 16.62 -19.88 20.78
N LEU A 88 16.59 -18.64 20.31
CA LEU A 88 16.04 -18.32 19.00
C LEU A 88 17.14 -18.06 18.00
N ARG A 89 16.88 -18.42 16.74
CA ARG A 89 17.77 -18.06 15.66
C ARG A 89 17.65 -16.57 15.36
N VAL A 90 18.71 -16.02 14.74
CA VAL A 90 18.73 -14.60 14.44
C VAL A 90 17.53 -14.21 13.58
N GLU A 91 17.18 -15.06 12.61
CA GLU A 91 16.05 -14.75 11.74
C GLU A 91 14.73 -14.77 12.50
N GLU A 92 14.60 -15.67 13.49
CA GLU A 92 13.36 -15.74 14.25
C GLU A 92 13.14 -14.49 15.08
N VAL A 93 14.21 -13.93 15.65
CA VAL A 93 14.09 -12.68 16.41
C VAL A 93 13.60 -11.56 15.50
N GLU A 94 14.22 -11.43 14.32
CA GLU A 94 13.87 -10.33 13.43
C GLU A 94 12.49 -10.53 12.80
N ASP A 95 12.13 -11.78 12.49
CA ASP A 95 10.78 -12.07 11.99
C ASP A 95 9.72 -11.62 13.00
N ALA A 96 9.94 -11.91 14.28
CA ALA A 96 8.95 -11.55 15.30
C ALA A 96 8.76 -10.04 15.36
N ILE A 97 9.84 -9.28 15.25
CA ILE A 97 9.75 -7.82 15.28
C ILE A 97 9.05 -7.30 14.02
N SER A 98 9.39 -7.86 12.85
CA SER A 98 8.89 -7.32 11.59
C SER A 98 7.50 -7.82 11.23
N GLN A 99 7.04 -8.91 11.84
CA GLN A 99 5.71 -9.45 11.56
C GLN A 99 4.68 -8.62 12.32
N THR A 100 4.40 -7.44 11.77
CA THR A 100 3.54 -6.47 12.45
C THR A 100 2.09 -6.93 12.57
N SER A 101 1.69 -7.98 11.84
CA SER A 101 0.35 -8.54 11.97
C SER A 101 0.15 -9.30 13.28
N GLN A 102 1.21 -9.51 14.05
CA GLN A 102 1.16 -10.27 15.28
C GLN A 102 1.38 -9.36 16.48
N THR A 103 0.61 -9.58 17.53
CA THR A 103 0.91 -8.97 18.82
C THR A 103 2.29 -9.44 19.27
N LEU A 104 3.09 -8.51 19.78
CA LEU A 104 4.46 -8.80 20.19
C LEU A 104 4.62 -8.50 21.67
N GLN A 105 4.92 -9.53 22.45
CA GLN A 105 5.20 -9.40 23.87
C GLN A 105 6.71 -9.40 24.08
N LEU A 106 7.20 -8.46 24.88
CA LEU A 106 8.63 -8.28 25.08
C LEU A 106 8.95 -8.17 26.56
N LEU A 107 10.03 -8.83 26.97
CA LEU A 107 10.62 -8.65 28.29
C LEU A 107 11.88 -7.81 28.10
N ILE A 108 11.87 -6.60 28.65
CA ILE A 108 12.87 -5.59 28.33
C ILE A 108 13.69 -5.29 29.58
N GLU A 109 15.01 -5.42 29.46
CA GLU A 109 15.93 -5.05 30.52
C GLU A 109 16.41 -3.63 30.27
N HIS A 110 16.04 -2.71 31.16
N HIS A 110 16.07 -2.72 31.17
CA HIS A 110 16.38 -1.31 30.99
CA HIS A 110 16.37 -1.31 30.98
C HIS A 110 17.84 -1.07 31.28
C HIS A 110 17.82 -1.00 31.33
N ASP A 111 18.45 -0.19 30.50
CA ASP A 111 19.88 0.12 30.65
C ASP A 111 20.08 1.22 31.67
N PRO A 112 20.98 1.03 32.66
CA PRO A 112 21.32 2.04 33.66
C PRO A 112 22.46 2.94 33.23
N GLN B 18 -39.93 -28.95 12.30
CA GLN B 18 -40.06 -29.79 11.11
C GLN B 18 -38.76 -29.80 10.31
N LEU B 19 -38.30 -28.61 9.92
CA LEU B 19 -37.07 -28.48 9.17
C LEU B 19 -35.87 -28.52 10.10
N PRO B 20 -34.72 -28.97 9.62
CA PRO B 20 -33.55 -29.11 10.50
C PRO B 20 -33.10 -27.77 11.06
N TYR B 21 -32.88 -27.74 12.38
CA TYR B 21 -32.31 -26.60 13.08
C TYR B 21 -30.88 -26.95 13.44
N SER B 22 -29.94 -26.10 13.02
CA SER B 22 -28.53 -26.43 13.09
C SER B 22 -27.75 -25.30 13.74
N VAL B 23 -26.73 -25.67 14.50
CA VAL B 23 -25.90 -24.74 15.25
C VAL B 23 -24.46 -25.21 15.15
N THR B 24 -23.55 -24.29 14.86
CA THR B 24 -22.15 -24.64 14.62
C THR B 24 -21.24 -23.76 15.45
N LEU B 25 -20.26 -24.39 16.11
CA LEU B 25 -19.22 -23.69 16.86
C LEU B 25 -17.94 -23.70 16.04
N ILE B 26 -17.44 -22.53 15.68
CA ILE B 26 -16.23 -22.42 14.88
C ILE B 26 -15.20 -21.57 15.62
N SER B 27 -13.93 -21.83 15.32
CA SER B 27 -12.81 -21.05 15.83
C SER B 27 -12.09 -20.42 14.64
N MET B 28 -12.04 -19.08 14.61
CA MET B 28 -11.42 -18.37 13.51
C MET B 28 -10.03 -17.91 13.94
N PRO B 29 -8.97 -18.31 13.24
CA PRO B 29 -7.62 -17.95 13.69
C PRO B 29 -7.34 -16.47 13.51
N ALA B 30 -6.29 -16.02 14.18
CA ALA B 30 -5.84 -14.64 14.03
C ALA B 30 -5.52 -14.34 12.57
N THR B 31 -5.83 -13.11 12.15
CA THR B 31 -5.61 -12.68 10.78
C THR B 31 -5.18 -11.22 10.80
N THR B 32 -5.13 -10.60 9.63
CA THR B 32 -4.74 -9.20 9.53
C THR B 32 -5.97 -8.30 9.58
N GLU B 33 -5.73 -7.01 9.79
CA GLU B 33 -6.81 -6.06 10.02
C GLU B 33 -7.74 -6.01 8.81
N GLY B 34 -9.05 -6.01 9.10
CA GLY B 34 -10.06 -5.91 8.07
C GLY B 34 -10.36 -7.21 7.34
N ARG B 35 -9.64 -8.29 7.64
CA ARG B 35 -9.80 -9.56 6.93
C ARG B 35 -10.47 -10.63 7.78
N ARG B 36 -11.28 -10.21 8.76
CA ARG B 36 -12.05 -11.19 9.53
C ARG B 36 -12.96 -12.01 8.62
N GLY B 37 -13.46 -11.41 7.54
CA GLY B 37 -14.24 -12.12 6.55
C GLY B 37 -15.74 -11.95 6.64
N PHE B 38 -16.25 -11.24 7.65
CA PHE B 38 -17.69 -11.03 7.74
C PHE B 38 -17.95 -9.76 8.55
N SER B 39 -19.12 -9.18 8.30
CA SER B 39 -19.65 -8.07 9.08
C SER B 39 -20.95 -8.49 9.73
N VAL B 40 -21.36 -7.74 10.75
CA VAL B 40 -22.55 -8.09 11.52
C VAL B 40 -23.47 -6.87 11.61
N SER B 41 -24.75 -7.17 11.83
CA SER B 41 -25.74 -6.18 12.20
C SER B 41 -26.12 -6.43 13.65
N VAL B 42 -25.86 -5.44 14.51
CA VAL B 42 -26.11 -5.55 15.94
C VAL B 42 -27.31 -4.70 16.29
N GLU B 43 -28.34 -5.34 16.84
CA GLU B 43 -29.51 -4.64 17.34
C GLU B 43 -29.32 -4.40 18.83
N SER B 44 -29.38 -3.13 19.24
CA SER B 44 -29.05 -2.78 20.62
C SER B 44 -30.12 -3.29 21.58
N ALA B 45 -29.68 -3.66 22.78
CA ALA B 45 -30.59 -4.11 23.81
C ALA B 45 -31.50 -2.98 24.26
N SER B 46 -32.72 -3.35 24.65
CA SER B 46 -33.68 -2.42 25.23
C SER B 46 -34.40 -3.14 26.37
N SER B 47 -35.27 -2.40 27.06
CA SER B 47 -36.06 -3.00 28.13
C SER B 47 -37.04 -4.05 27.63
N ASN B 48 -37.11 -4.30 26.33
CA ASN B 48 -37.98 -5.31 25.77
C ASN B 48 -37.26 -6.40 24.98
N TYR B 49 -36.06 -6.12 24.47
CA TYR B 49 -35.32 -7.07 23.66
C TYR B 49 -33.86 -7.08 24.08
N ALA B 50 -33.27 -8.27 24.11
CA ALA B 50 -31.85 -8.41 24.40
C ALA B 50 -31.03 -8.12 23.15
N THR B 51 -29.73 -7.92 23.35
CA THR B 51 -28.80 -7.73 22.23
C THR B 51 -28.89 -8.92 21.27
N THR B 52 -28.96 -8.62 19.97
CA THR B 52 -28.93 -9.63 18.94
C THR B 52 -27.87 -9.28 17.91
N VAL B 53 -27.23 -10.31 17.36
CA VAL B 53 -26.15 -10.15 16.39
C VAL B 53 -26.45 -11.05 15.20
N GLN B 54 -26.47 -10.46 14.00
CA GLN B 54 -26.79 -11.18 12.78
C GLN B 54 -25.72 -10.94 11.74
N VAL B 55 -25.31 -12.02 11.07
CA VAL B 55 -24.31 -11.90 10.00
C VAL B 55 -24.91 -11.12 8.85
N LYS B 56 -24.21 -10.06 8.43
CA LYS B 56 -24.68 -9.18 7.37
C LYS B 56 -24.07 -9.53 6.01
N GLU B 57 -22.75 -9.43 5.88
CA GLU B 57 -22.06 -9.79 4.66
C GLU B 57 -20.89 -10.73 4.98
N VAL B 58 -20.47 -11.47 3.96
CA VAL B 58 -19.40 -12.46 4.10
C VAL B 58 -18.50 -12.38 2.88
N ASN B 59 -17.19 -12.26 3.11
CA ASN B 59 -16.18 -12.42 2.06
C ASN B 59 -15.56 -13.79 2.27
N ARG B 60 -16.02 -14.76 1.47
CA ARG B 60 -15.61 -16.15 1.67
C ARG B 60 -14.12 -16.35 1.45
N MET B 61 -13.49 -15.47 0.67
CA MET B 61 -12.05 -15.58 0.43
C MET B 61 -11.24 -15.21 1.66
N HIS B 62 -11.81 -14.47 2.61
CA HIS B 62 -11.10 -14.10 3.83
C HIS B 62 -11.31 -15.10 4.96
N ILE B 63 -12.16 -16.11 4.77
CA ILE B 63 -12.45 -17.11 5.78
C ILE B 63 -11.68 -18.38 5.45
N SER B 64 -11.06 -18.99 6.47
CA SER B 64 -10.28 -20.20 6.27
C SER B 64 -11.15 -21.30 5.68
N PRO B 65 -10.56 -22.20 4.89
CA PRO B 65 -11.36 -23.25 4.23
C PRO B 65 -12.21 -24.08 5.18
N ASN B 66 -11.71 -24.37 6.38
CA ASN B 66 -12.48 -25.17 7.33
C ASN B 66 -13.79 -24.50 7.72
N ASN B 67 -13.78 -23.18 7.86
CA ASN B 67 -14.94 -22.43 8.33
C ASN B 67 -15.78 -21.84 7.21
N ARG B 68 -15.36 -22.01 5.95
CA ARG B 68 -15.95 -21.25 4.85
C ARG B 68 -17.43 -21.55 4.66
N ASN B 69 -17.87 -22.76 4.98
CA ASN B 69 -19.28 -23.15 4.82
C ASN B 69 -20.05 -23.13 6.13
N ALA B 70 -19.50 -22.53 7.18
CA ALA B 70 -20.14 -22.53 8.49
C ALA B 70 -20.71 -21.17 8.87
N ILE B 71 -20.59 -20.16 8.02
CA ILE B 71 -21.05 -18.82 8.32
C ILE B 71 -21.61 -18.20 7.04
N HIS B 72 -22.90 -17.85 7.06
CA HIS B 72 -23.61 -17.34 5.90
C HIS B 72 -24.32 -16.05 6.25
N PRO B 73 -24.57 -15.18 5.27
CA PRO B 73 -25.40 -14.00 5.52
C PRO B 73 -26.76 -14.40 6.07
N GLY B 74 -27.19 -13.67 7.10
CA GLY B 74 -28.45 -13.94 7.76
C GLY B 74 -28.36 -14.86 8.96
N ASP B 75 -27.21 -15.50 9.18
CA ASP B 75 -27.05 -16.34 10.36
C ASP B 75 -26.99 -15.47 11.62
N ARG B 76 -27.59 -15.95 12.70
CA ARG B 76 -27.52 -15.26 13.97
C ARG B 76 -26.37 -15.83 14.79
N ILE B 77 -25.58 -14.94 15.38
CA ILE B 77 -24.47 -15.32 16.25
C ILE B 77 -24.99 -15.34 17.68
N LEU B 78 -24.95 -16.53 18.30
CA LEU B 78 -25.49 -16.74 19.64
C LEU B 78 -24.45 -16.45 20.72
N GLU B 79 -23.19 -16.78 20.47
CA GLU B 79 -22.14 -16.63 21.47
C GLU B 79 -20.86 -16.18 20.80
N ILE B 80 -20.11 -15.33 21.49
CA ILE B 80 -18.81 -14.85 21.04
C ILE B 80 -17.80 -15.17 22.14
N ASN B 81 -16.77 -15.94 21.76
CA ASN B 81 -15.73 -16.38 22.71
C ASN B 81 -16.33 -17.00 23.96
N GLY B 82 -17.39 -17.79 23.76
CA GLY B 82 -18.03 -18.48 24.86
C GLY B 82 -19.06 -17.67 25.63
N THR B 83 -19.25 -16.40 25.30
CA THR B 83 -20.17 -15.54 26.03
C THR B 83 -21.45 -15.33 25.23
N PRO B 84 -22.62 -15.58 25.81
CA PRO B 84 -23.87 -15.31 25.09
C PRO B 84 -23.99 -13.82 24.77
N VAL B 85 -24.32 -13.52 23.51
CA VAL B 85 -24.35 -12.13 23.07
C VAL B 85 -25.46 -11.33 23.72
N ARG B 86 -26.47 -11.99 24.28
CA ARG B 86 -27.51 -11.29 25.01
C ARG B 86 -26.99 -10.61 26.28
N THR B 87 -25.78 -10.95 26.73
CA THR B 87 -25.15 -10.30 27.87
C THR B 87 -24.12 -9.26 27.46
N LEU B 88 -23.95 -9.03 26.16
CA LEU B 88 -22.91 -8.15 25.65
C LEU B 88 -23.51 -6.83 25.19
N ARG B 89 -22.71 -5.77 25.31
CA ARG B 89 -23.05 -4.48 24.75
C ARG B 89 -22.61 -4.42 23.29
N VAL B 90 -23.17 -3.44 22.56
CA VAL B 90 -22.82 -3.28 21.15
C VAL B 90 -21.32 -3.12 20.97
N GLU B 91 -20.70 -2.26 21.80
CA GLU B 91 -19.27 -2.00 21.67
C GLU B 91 -18.44 -3.25 21.93
N GLU B 92 -18.90 -4.13 22.83
CA GLU B 92 -18.16 -5.35 23.12
C GLU B 92 -18.23 -6.32 21.96
N VAL B 93 -19.38 -6.39 21.27
CA VAL B 93 -19.50 -7.24 20.10
C VAL B 93 -18.57 -6.76 18.99
N GLU B 94 -18.62 -5.45 18.69
CA GLU B 94 -17.80 -4.91 17.61
C GLU B 94 -16.31 -5.05 17.91
N ASP B 95 -15.92 -4.86 19.18
CA ASP B 95 -14.52 -4.99 19.54
C ASP B 95 -14.00 -6.40 19.30
N ALA B 96 -14.77 -7.40 19.71
CA ALA B 96 -14.33 -8.79 19.58
C ALA B 96 -14.13 -9.17 18.11
N ILE B 97 -15.04 -8.72 17.24
CA ILE B 97 -14.94 -9.08 15.82
C ILE B 97 -13.78 -8.35 15.16
N SER B 98 -13.59 -7.07 15.49
CA SER B 98 -12.57 -6.26 14.84
C SER B 98 -11.16 -6.53 15.36
N GLN B 99 -11.02 -7.21 16.50
CA GLN B 99 -9.70 -7.56 17.05
C GLN B 99 -9.19 -8.79 16.30
N THR B 100 -8.65 -8.54 15.11
CA THR B 100 -8.23 -9.63 14.24
C THR B 100 -6.95 -10.31 14.72
N SER B 101 -6.20 -9.67 15.63
CA SER B 101 -5.00 -10.29 16.17
C SER B 101 -5.29 -11.45 17.10
N GLN B 102 -6.56 -11.63 17.49
CA GLN B 102 -6.96 -12.67 18.42
C GLN B 102 -7.84 -13.69 17.72
N THR B 103 -7.74 -14.95 18.16
CA THR B 103 -8.69 -15.97 17.73
C THR B 103 -10.10 -15.59 18.14
N LEU B 104 -11.06 -15.84 17.25
CA LEU B 104 -12.46 -15.54 17.50
C LEU B 104 -13.27 -16.82 17.44
N GLN B 105 -13.96 -17.13 18.53
CA GLN B 105 -14.84 -18.29 18.59
C GLN B 105 -16.29 -17.83 18.51
N LEU B 106 -17.05 -18.47 17.63
CA LEU B 106 -18.44 -18.09 17.38
C LEU B 106 -19.35 -19.31 17.47
N LEU B 107 -20.49 -19.14 18.13
CA LEU B 107 -21.57 -20.12 18.09
C LEU B 107 -22.61 -19.56 17.13
N ILE B 108 -22.76 -20.20 15.97
CA ILE B 108 -23.55 -19.66 14.86
C ILE B 108 -24.81 -20.49 14.69
N GLU B 109 -25.95 -19.81 14.60
CA GLU B 109 -27.24 -20.44 14.35
C GLU B 109 -27.65 -20.20 12.90
N HIS B 110 -28.08 -21.26 12.23
CA HIS B 110 -28.53 -21.15 10.85
C HIS B 110 -30.05 -21.10 10.78
N GLN C 18 -43.27 18.23 15.46
CA GLN C 18 -43.86 17.02 16.03
C GLN C 18 -42.77 16.10 16.56
N LEU C 19 -41.92 15.58 15.65
CA LEU C 19 -40.78 14.76 16.02
C LEU C 19 -39.56 15.64 16.29
N PRO C 20 -38.62 15.16 17.13
CA PRO C 20 -37.43 15.98 17.40
C PRO C 20 -36.57 16.12 16.15
N TYR C 21 -36.05 17.33 15.96
CA TYR C 21 -35.16 17.64 14.85
C TYR C 21 -33.79 17.94 15.44
N SER C 22 -32.81 17.10 15.14
CA SER C 22 -31.50 17.16 15.77
C SER C 22 -30.42 17.46 14.73
N VAL C 23 -29.47 18.29 15.12
CA VAL C 23 -28.35 18.68 14.27
C VAL C 23 -27.07 18.57 15.07
N THR C 24 -26.07 17.91 14.50
CA THR C 24 -24.82 17.62 15.20
C THR C 24 -23.64 18.07 14.35
N LEU C 25 -22.69 18.75 14.98
CA LEU C 25 -21.45 19.17 14.35
C LEU C 25 -20.32 18.28 14.88
N ILE C 26 -19.65 17.58 13.96
CA ILE C 26 -18.56 16.69 14.32
C ILE C 26 -17.33 17.03 13.50
N SER C 27 -16.16 16.62 14.02
CA SER C 27 -14.90 16.74 13.32
C SER C 27 -14.26 15.36 13.25
N MET C 28 -14.04 14.87 12.04
CA MET C 28 -13.47 13.55 11.84
C MET C 28 -11.99 13.68 11.52
N PRO C 29 -11.10 13.13 12.34
CA PRO C 29 -9.67 13.28 12.08
C PRO C 29 -9.25 12.57 10.80
N ALA C 30 -8.11 13.01 10.27
CA ALA C 30 -7.53 12.35 9.11
C ALA C 30 -7.30 10.87 9.38
N THR C 31 -7.47 10.06 8.34
CA THR C 31 -7.30 8.62 8.43
C THR C 31 -6.65 8.14 7.13
N THR C 32 -6.58 6.82 6.96
CA THR C 32 -5.96 6.25 5.77
C THR C 32 -6.99 6.12 4.64
N GLU C 33 -6.48 5.84 3.45
CA GLU C 33 -7.32 5.78 2.26
C GLU C 33 -8.42 4.74 2.38
N GLY C 34 -9.66 5.15 2.05
CA GLY C 34 -10.79 4.25 2.07
C GLY C 34 -11.44 4.04 3.42
N ARG C 35 -10.99 4.73 4.48
CA ARG C 35 -11.45 4.46 5.83
C ARG C 35 -12.18 5.64 6.46
N ARG C 36 -12.76 6.53 5.65
CA ARG C 36 -13.56 7.62 6.21
C ARG C 36 -14.70 7.10 7.08
N GLY C 37 -15.26 5.94 6.72
CA GLY C 37 -16.25 5.29 7.55
C GLY C 37 -17.68 5.43 7.09
N PHE C 38 -17.94 6.13 5.99
CA PHE C 38 -19.31 6.23 5.49
C PHE C 38 -19.28 6.61 4.02
N SER C 39 -20.39 6.31 3.35
CA SER C 39 -20.63 6.71 1.97
C SER C 39 -21.91 7.53 1.93
N VAL C 40 -22.13 8.21 0.80
CA VAL C 40 -23.26 9.11 0.65
C VAL C 40 -23.98 8.84 -0.65
N SER C 41 -25.26 9.19 -0.68
CA SER C 41 -26.03 9.30 -1.91
C SER C 41 -26.31 10.78 -2.15
N VAL C 42 -25.86 11.29 -3.28
CA VAL C 42 -25.97 12.71 -3.62
C VAL C 42 -27.03 12.87 -4.71
N GLU C 43 -28.07 13.64 -4.41
CA GLU C 43 -29.09 13.97 -5.39
C GLU C 43 -28.81 15.36 -5.93
N SER C 44 -28.79 15.49 -7.24
CA SER C 44 -28.43 16.73 -7.93
C SER C 44 -29.60 17.12 -8.83
N ALA C 45 -30.50 17.94 -8.29
CA ALA C 45 -31.70 18.34 -9.05
C ALA C 45 -31.32 19.11 -10.31
N SER C 46 -30.69 20.26 -10.14
CA SER C 46 -30.32 21.13 -11.26
C SER C 46 -28.80 21.25 -11.36
N SER C 47 -28.33 21.40 -12.59
CA SER C 47 -26.89 21.56 -12.90
C SER C 47 -26.12 20.41 -12.26
N ASN C 48 -24.90 20.67 -11.81
CA ASN C 48 -24.07 19.66 -11.16
C ASN C 48 -23.87 19.96 -9.68
N TYR C 49 -24.81 20.69 -9.08
CA TYR C 49 -24.74 20.99 -7.66
C TYR C 49 -25.40 19.90 -6.83
N ALA C 50 -24.84 19.66 -5.65
CA ALA C 50 -25.40 18.69 -4.70
C ALA C 50 -26.60 19.33 -4.01
N THR C 51 -27.81 18.88 -4.36
CA THR C 51 -29.01 19.39 -3.70
C THR C 51 -29.11 18.84 -2.27
N THR C 52 -29.13 17.51 -2.14
CA THR C 52 -29.17 16.87 -0.84
C THR C 52 -28.07 15.81 -0.78
N VAL C 53 -27.40 15.74 0.37
CA VAL C 53 -26.38 14.73 0.63
C VAL C 53 -26.87 13.86 1.79
N GLN C 54 -27.09 12.58 1.52
CA GLN C 54 -27.65 11.66 2.49
C GLN C 54 -26.67 10.52 2.73
N VAL C 55 -26.44 10.21 4.00
CA VAL C 55 -25.54 9.12 4.37
C VAL C 55 -26.15 7.80 3.93
N LYS C 56 -25.39 7.02 3.15
CA LYS C 56 -25.87 5.75 2.64
C LYS C 56 -25.53 4.60 3.57
N GLU C 57 -24.24 4.33 3.76
CA GLU C 57 -23.77 3.25 4.61
C GLU C 57 -22.76 3.79 5.61
N VAL C 58 -22.66 3.11 6.75
CA VAL C 58 -21.74 3.49 7.82
C VAL C 58 -21.00 2.26 8.31
N ASN C 59 -19.68 2.36 8.39
CA ASN C 59 -18.83 1.32 8.96
C ASN C 59 -18.31 1.88 10.28
N ARG C 60 -18.95 1.48 11.38
CA ARG C 60 -18.69 2.10 12.68
C ARG C 60 -17.24 1.94 13.10
N MET C 61 -16.61 0.80 12.79
CA MET C 61 -15.25 0.57 13.22
C MET C 61 -14.23 1.44 12.49
N HIS C 62 -14.62 2.11 11.41
CA HIS C 62 -13.76 3.08 10.74
C HIS C 62 -13.89 4.48 11.32
N ILE C 63 -14.82 4.70 12.24
CA ILE C 63 -15.08 6.02 12.82
C ILE C 63 -14.47 6.07 14.21
N SER C 64 -13.87 7.21 14.55
CA SER C 64 -13.29 7.38 15.87
C SER C 64 -14.36 7.20 16.94
N PRO C 65 -13.97 6.72 18.13
CA PRO C 65 -14.98 6.47 19.18
C PRO C 65 -15.86 7.67 19.49
N ASN C 66 -15.30 8.88 19.49
CA ASN C 66 -16.08 10.06 19.84
C ASN C 66 -17.23 10.30 18.86
N ASN C 67 -17.05 9.95 17.59
CA ASN C 67 -18.03 10.21 16.55
C ASN C 67 -18.82 8.97 16.15
N ARG C 68 -18.51 7.80 16.72
CA ARG C 68 -19.07 6.55 16.23
C ARG C 68 -20.59 6.53 16.30
N ASN C 69 -21.19 7.24 17.26
CA ASN C 69 -22.64 7.27 17.41
C ASN C 69 -23.24 8.58 16.93
N ALA C 70 -22.52 9.34 16.10
CA ALA C 70 -22.97 10.65 15.66
C ALA C 70 -23.41 10.69 14.19
N ILE C 71 -23.24 9.60 13.45
CA ILE C 71 -23.59 9.56 12.03
C ILE C 71 -24.23 8.22 11.72
N HIS C 72 -25.41 8.23 11.13
CA HIS C 72 -26.20 7.04 10.87
C HIS C 72 -26.72 7.04 9.45
N PRO C 73 -26.98 5.86 8.87
CA PRO C 73 -27.65 5.81 7.58
C PRO C 73 -28.98 6.56 7.61
N GLY C 74 -29.23 7.33 6.56
CA GLY C 74 -30.41 8.17 6.49
C GLY C 74 -30.20 9.59 6.97
N ASP C 75 -29.13 9.84 7.74
CA ASP C 75 -28.80 11.20 8.12
C ASP C 75 -28.44 12.02 6.89
N ARG C 76 -28.72 13.32 6.95
CA ARG C 76 -28.41 14.23 5.86
C ARG C 76 -27.28 15.16 6.28
N ILE C 77 -26.31 15.33 5.39
CA ILE C 77 -25.17 16.22 5.63
C ILE C 77 -25.55 17.59 5.10
N LEU C 78 -25.66 18.57 6.01
CA LEU C 78 -26.05 19.93 5.65
C LEU C 78 -24.86 20.77 5.22
N GLU C 79 -23.72 20.60 5.88
CA GLU C 79 -22.54 21.42 5.59
C GLU C 79 -21.30 20.54 5.66
N ILE C 80 -20.35 20.81 4.78
CA ILE C 80 -19.05 20.13 4.75
C ILE C 80 -17.98 21.16 4.98
N ASN C 81 -17.25 21.02 6.10
CA ASN C 81 -16.22 21.97 6.51
C ASN C 81 -16.75 23.41 6.50
N GLY C 82 -17.99 23.59 6.94
CA GLY C 82 -18.59 24.89 7.04
C GLY C 82 -19.29 25.42 5.81
N THR C 83 -19.29 24.66 4.71
CA THR C 83 -19.94 25.12 3.48
C THR C 83 -21.24 24.38 3.27
N PRO C 84 -22.36 25.09 3.06
CA PRO C 84 -23.63 24.41 2.76
C PRO C 84 -23.51 23.62 1.46
N VAL C 85 -24.01 22.38 1.50
CA VAL C 85 -23.77 21.45 0.39
C VAL C 85 -24.47 21.87 -0.89
N ARG C 86 -25.53 22.66 -0.81
CA ARG C 86 -26.23 23.08 -2.02
C ARG C 86 -25.38 23.98 -2.91
N THR C 87 -24.29 24.53 -2.39
CA THR C 87 -23.38 25.37 -3.16
C THR C 87 -22.16 24.60 -3.66
N LEU C 88 -22.09 23.30 -3.40
CA LEU C 88 -20.97 22.47 -3.83
C LEU C 88 -21.37 21.60 -5.01
N ARG C 89 -20.41 21.36 -5.90
CA ARG C 89 -20.60 20.40 -6.97
C ARG C 89 -20.55 18.98 -6.42
N VAL C 90 -21.17 18.06 -7.17
CA VAL C 90 -21.23 16.67 -6.73
C VAL C 90 -19.83 16.11 -6.51
N GLU C 91 -18.89 16.43 -7.40
CA GLU C 91 -17.53 15.92 -7.27
C GLU C 91 -16.83 16.50 -6.04
N GLU C 92 -17.11 17.76 -5.71
CA GLU C 92 -16.47 18.37 -4.55
C GLU C 92 -16.92 17.70 -3.25
N VAL C 93 -18.21 17.35 -3.17
CA VAL C 93 -18.71 16.65 -1.99
C VAL C 93 -17.99 15.31 -1.82
N GLU C 94 -17.87 14.54 -2.90
CA GLU C 94 -17.27 13.22 -2.81
C GLU C 94 -15.77 13.32 -2.57
N ASP C 95 -15.12 14.32 -3.16
CA ASP C 95 -13.69 14.55 -2.89
C ASP C 95 -13.45 14.82 -1.41
N ALA C 96 -14.29 15.64 -0.78
CA ALA C 96 -14.10 15.96 0.62
C ALA C 96 -14.20 14.71 1.50
N ILE C 97 -15.15 13.83 1.19
CA ILE C 97 -15.30 12.59 1.95
C ILE C 97 -14.12 11.66 1.69
N SER C 98 -13.67 11.56 0.44
CA SER C 98 -12.65 10.57 0.08
C SER C 98 -11.24 11.04 0.36
N GLN C 99 -11.03 12.35 0.55
CA GLN C 99 -9.69 12.88 0.82
C GLN C 99 -9.40 12.67 2.31
N THR C 100 -9.06 11.41 2.64
CA THR C 100 -8.88 11.01 4.03
C THR C 100 -7.65 11.63 4.68
N SER C 101 -6.75 12.23 3.90
CA SER C 101 -5.62 12.93 4.49
C SER C 101 -6.02 14.23 5.17
N GLN C 102 -7.27 14.66 5.01
CA GLN C 102 -7.76 15.92 5.55
C GLN C 102 -8.78 15.66 6.64
N THR C 103 -8.71 16.46 7.71
CA THR C 103 -9.79 16.51 8.68
C THR C 103 -11.09 16.94 8.00
N LEU C 104 -12.18 16.27 8.35
CA LEU C 104 -13.48 16.53 7.74
C LEU C 104 -14.46 16.94 8.83
N GLN C 105 -14.97 18.16 8.73
CA GLN C 105 -16.00 18.66 9.63
C GLN C 105 -17.35 18.56 8.96
N LEU C 106 -18.35 18.04 9.68
CA LEU C 106 -19.66 17.79 9.12
C LEU C 106 -20.75 18.35 10.04
N LEU C 107 -21.74 18.98 9.42
CA LEU C 107 -22.97 19.37 10.11
C LEU C 107 -24.05 18.39 9.66
N ILE C 108 -24.54 17.58 10.59
CA ILE C 108 -25.35 16.41 10.26
C ILE C 108 -26.75 16.59 10.80
N GLU C 109 -27.73 16.44 9.92
CA GLU C 109 -29.14 16.45 10.30
C GLU C 109 -29.59 15.01 10.54
N HIS C 110 -30.01 14.72 11.77
N HIS C 110 -29.99 14.72 11.77
CA HIS C 110 -30.36 13.36 12.16
CA HIS C 110 -30.37 13.37 12.15
C HIS C 110 -31.81 13.08 11.77
C HIS C 110 -31.81 13.10 11.74
N ASP C 111 -32.02 12.01 11.01
CA ASP C 111 -33.34 11.66 10.51
C ASP C 111 -34.23 11.13 11.64
N PRO C 112 -35.39 11.76 11.90
CA PRO C 112 -36.35 11.26 12.90
C PRO C 112 -37.25 10.16 12.34
N GLN D 18 -27.60 -20.86 -38.00
CA GLN D 18 -27.50 -19.66 -38.81
C GLN D 18 -26.24 -18.87 -38.44
N LEU D 19 -26.19 -18.39 -37.18
CA LEU D 19 -25.01 -17.68 -36.69
C LEU D 19 -23.99 -18.67 -36.13
N PRO D 20 -22.71 -18.32 -36.15
CA PRO D 20 -21.69 -19.24 -35.63
C PRO D 20 -21.81 -19.44 -34.13
N TYR D 21 -21.64 -20.69 -33.71
CA TYR D 21 -21.66 -21.06 -32.29
C TYR D 21 -20.25 -21.52 -31.93
N SER D 22 -19.58 -20.75 -31.08
CA SER D 22 -18.18 -20.95 -30.77
C SER D 22 -18.00 -21.29 -29.30
N VAL D 23 -17.10 -22.22 -29.02
CA VAL D 23 -16.80 -22.67 -27.66
C VAL D 23 -15.29 -22.71 -27.51
N THR D 24 -14.79 -22.10 -26.43
CA THR D 24 -13.36 -21.95 -26.20
C THR D 24 -12.99 -22.49 -24.83
N LEU D 25 -11.92 -23.27 -24.77
CA LEU D 25 -11.38 -23.79 -23.51
C LEU D 25 -10.09 -23.03 -23.19
N ILE D 26 -10.04 -22.38 -22.03
CA ILE D 26 -8.88 -21.62 -21.62
C ILE D 26 -8.46 -22.08 -20.22
N SER D 27 -7.19 -21.83 -19.90
CA SER D 27 -6.64 -22.06 -18.57
C SER D 27 -6.04 -20.76 -18.08
N MET D 28 -6.56 -20.24 -16.97
CA MET D 28 -6.09 -18.98 -16.42
C MET D 28 -5.16 -19.26 -15.26
N PRO D 29 -3.88 -18.88 -15.34
CA PRO D 29 -2.95 -19.17 -14.24
C PRO D 29 -3.35 -18.40 -12.98
N ALA D 30 -2.83 -18.89 -11.85
CA ALA D 30 -3.05 -18.21 -10.58
C ALA D 30 -2.55 -16.78 -10.64
N THR D 31 -3.25 -15.90 -9.93
CA THR D 31 -2.92 -14.47 -9.90
C THR D 31 -3.17 -13.97 -8.48
N THR D 32 -3.12 -12.65 -8.31
CA THR D 32 -3.31 -12.05 -6.99
C THR D 32 -4.79 -11.84 -6.71
N GLU D 33 -5.08 -11.55 -5.44
CA GLU D 33 -6.46 -11.41 -4.98
C GLU D 33 -7.16 -10.27 -5.73
N GLY D 34 -8.36 -10.55 -6.23
CA GLY D 34 -9.16 -9.54 -6.90
C GLY D 34 -8.83 -9.31 -8.36
N ARG D 35 -7.88 -10.05 -8.94
CA ARG D 35 -7.40 -9.80 -10.29
C ARG D 35 -7.67 -10.96 -11.24
N ARG D 36 -8.69 -11.78 -10.97
CA ARG D 36 -9.04 -12.83 -11.91
C ARG D 36 -9.35 -12.25 -13.28
N GLY D 37 -9.88 -11.04 -13.34
CA GLY D 37 -10.09 -10.34 -14.59
C GLY D 37 -11.51 -10.31 -15.10
N PHE D 38 -12.45 -10.92 -14.40
CA PHE D 38 -13.84 -10.87 -14.83
C PHE D 38 -14.75 -11.18 -13.65
N SER D 39 -15.99 -10.75 -13.77
CA SER D 39 -17.06 -11.07 -12.83
C SER D 39 -18.18 -11.76 -13.60
N VAL D 40 -19.09 -12.39 -12.86
CA VAL D 40 -20.16 -13.15 -13.46
C VAL D 40 -21.50 -12.77 -12.84
N SER D 41 -22.56 -13.00 -13.61
CA SER D 41 -23.92 -13.00 -13.10
C SER D 41 -24.42 -14.44 -13.14
N VAL D 42 -24.78 -14.98 -11.99
CA VAL D 42 -25.19 -16.37 -11.85
C VAL D 42 -26.69 -16.40 -11.63
N GLU D 43 -27.41 -17.07 -12.54
CA GLU D 43 -28.84 -17.26 -12.42
C GLU D 43 -29.11 -18.64 -11.85
N SER D 44 -29.94 -18.71 -10.81
CA SER D 44 -30.25 -19.93 -10.09
C SER D 44 -31.75 -20.15 -10.16
N ALA D 45 -32.19 -20.87 -11.19
CA ALA D 45 -33.62 -21.11 -11.39
C ALA D 45 -34.20 -21.90 -10.22
N SER D 46 -33.69 -23.12 -9.99
CA SER D 46 -34.18 -23.97 -8.93
C SER D 46 -33.07 -24.19 -7.89
N SER D 47 -33.49 -24.33 -6.64
CA SER D 47 -32.59 -24.56 -5.52
C SER D 47 -31.49 -23.51 -5.48
N ASN D 48 -30.28 -23.91 -5.08
CA ASN D 48 -29.13 -23.03 -5.05
C ASN D 48 -28.09 -23.44 -6.09
N TYR D 49 -28.52 -24.10 -7.16
CA TYR D 49 -27.63 -24.49 -8.24
C TYR D 49 -27.52 -23.37 -9.27
N ALA D 50 -26.34 -23.26 -9.87
CA ALA D 50 -26.09 -22.29 -10.93
C ALA D 50 -26.71 -22.79 -12.23
N THR D 51 -27.82 -22.17 -12.65
CA THR D 51 -28.43 -22.58 -13.91
C THR D 51 -27.60 -22.12 -15.10
N THR D 52 -27.37 -20.80 -15.20
CA THR D 52 -26.51 -20.24 -16.24
C THR D 52 -25.53 -19.27 -15.60
N VAL D 53 -24.28 -19.31 -16.06
CA VAL D 53 -23.23 -18.41 -15.60
C VAL D 53 -22.80 -17.56 -16.79
N GLN D 54 -23.01 -16.25 -16.67
CA GLN D 54 -22.74 -15.32 -17.76
C GLN D 54 -21.69 -14.30 -17.33
N VAL D 55 -20.69 -14.08 -18.19
CA VAL D 55 -19.65 -13.10 -17.89
C VAL D 55 -20.26 -11.72 -17.90
N LYS D 56 -20.08 -10.99 -16.80
CA LYS D 56 -20.66 -9.65 -16.65
C LYS D 56 -19.71 -8.56 -17.12
N GLU D 57 -18.55 -8.44 -16.47
CA GLU D 57 -17.56 -7.42 -16.81
C GLU D 57 -16.21 -8.08 -17.01
N VAL D 58 -15.36 -7.45 -17.81
CA VAL D 58 -14.03 -7.96 -18.11
C VAL D 58 -13.01 -6.84 -17.97
N ASN D 59 -11.94 -7.10 -17.22
CA ASN D 59 -10.81 -6.20 -17.09
C ASN D 59 -9.65 -6.85 -17.83
N ARG D 60 -9.40 -6.41 -19.07
CA ARG D 60 -8.46 -7.10 -19.94
C ARG D 60 -7.05 -7.12 -19.37
N MET D 61 -6.65 -6.03 -18.69
CA MET D 61 -5.28 -5.95 -18.18
C MET D 61 -5.04 -6.88 -16.99
N HIS D 62 -6.07 -7.47 -16.42
CA HIS D 62 -5.92 -8.49 -15.39
C HIS D 62 -5.82 -9.89 -15.96
N ILE D 63 -5.99 -10.04 -17.27
CA ILE D 63 -5.98 -11.33 -17.95
C ILE D 63 -4.65 -11.50 -18.65
N SER D 64 -4.10 -12.72 -18.61
CA SER D 64 -2.84 -13.00 -19.28
C SER D 64 -2.97 -12.71 -20.78
N PRO D 65 -1.87 -12.31 -21.43
CA PRO D 65 -1.95 -11.97 -22.86
C PRO D 65 -2.56 -13.06 -23.73
N ASN D 66 -2.24 -14.33 -23.45
CA ASN D 66 -2.76 -15.42 -24.28
C ASN D 66 -4.27 -15.53 -24.20
N ASN D 67 -4.87 -15.18 -23.07
CA ASN D 67 -6.30 -15.30 -22.84
C ASN D 67 -7.05 -13.98 -22.96
N ARG D 68 -6.33 -12.87 -23.17
CA ARG D 68 -6.95 -11.55 -23.08
C ARG D 68 -8.10 -11.37 -24.08
N ASN D 69 -8.04 -12.04 -25.22
CA ASN D 69 -9.08 -11.94 -26.23
C ASN D 69 -10.00 -13.16 -26.27
N ALA D 70 -10.03 -13.96 -25.20
CA ALA D 70 -10.80 -15.19 -25.17
C ALA D 70 -12.05 -15.12 -24.32
N ILE D 71 -12.28 -14.03 -23.59
CA ILE D 71 -13.45 -13.92 -22.71
C ILE D 71 -14.00 -12.50 -22.81
N HIS D 72 -15.30 -12.40 -23.08
CA HIS D 72 -15.96 -11.13 -23.33
C HIS D 72 -17.25 -11.03 -22.53
N PRO D 73 -17.70 -9.82 -22.22
CA PRO D 73 -19.03 -9.65 -21.60
C PRO D 73 -20.11 -10.29 -22.45
N GLY D 74 -21.03 -10.98 -21.79
CA GLY D 74 -22.08 -11.71 -22.46
C GLY D 74 -21.76 -13.16 -22.74
N ASP D 75 -20.49 -13.55 -22.68
CA ASP D 75 -20.12 -14.96 -22.82
C ASP D 75 -20.68 -15.76 -21.66
N ARG D 76 -20.96 -17.03 -21.92
CA ARG D 76 -21.50 -17.95 -20.93
C ARG D 76 -20.44 -18.96 -20.52
N ILE D 77 -20.33 -19.20 -19.22
CA ILE D 77 -19.39 -20.19 -18.68
C ILE D 77 -20.12 -21.52 -18.62
N LEU D 78 -19.69 -22.48 -19.44
CA LEU D 78 -20.34 -23.78 -19.48
C LEU D 78 -19.77 -24.75 -18.46
N GLU D 79 -18.46 -24.74 -18.26
CA GLU D 79 -17.81 -25.68 -17.35
C GLU D 79 -16.69 -24.98 -16.61
N ILE D 80 -16.51 -25.35 -15.34
CA ILE D 80 -15.44 -24.84 -14.49
C ILE D 80 -14.57 -26.01 -14.08
N ASN D 81 -13.32 -26.00 -14.52
CA ASN D 81 -12.37 -27.10 -14.27
C ASN D 81 -12.97 -28.45 -14.65
N GLY D 82 -13.71 -28.47 -15.76
CA GLY D 82 -14.29 -29.71 -16.26
C GLY D 82 -15.65 -30.06 -15.70
N THR D 83 -16.20 -29.24 -14.79
CA THR D 83 -17.50 -29.55 -14.22
C THR D 83 -18.57 -28.65 -14.83
N PRO D 84 -19.65 -29.22 -15.36
CA PRO D 84 -20.75 -28.38 -15.85
C PRO D 84 -21.35 -27.56 -14.72
N VAL D 85 -21.58 -26.27 -15.00
CA VAL D 85 -21.95 -25.33 -13.95
C VAL D 85 -23.32 -25.64 -13.35
N ARG D 86 -24.20 -26.33 -14.09
CA ARG D 86 -25.53 -26.62 -13.57
C ARG D 86 -25.51 -27.59 -12.39
N THR D 87 -24.40 -28.27 -12.15
CA THR D 87 -24.25 -29.18 -11.02
C THR D 87 -23.54 -28.53 -9.84
N LEU D 88 -23.17 -27.25 -9.95
CA LEU D 88 -22.49 -26.54 -8.88
C LEU D 88 -23.46 -25.58 -8.19
N ARG D 89 -23.26 -25.41 -6.89
CA ARG D 89 -23.98 -24.38 -6.15
C ARG D 89 -23.44 -23.00 -6.50
N VAL D 90 -24.26 -21.99 -6.29
CA VAL D 90 -23.89 -20.62 -6.62
C VAL D 90 -22.59 -20.22 -5.94
N GLU D 91 -22.42 -20.60 -4.67
CA GLU D 91 -21.21 -20.23 -3.93
C GLU D 91 -19.98 -20.90 -4.52
N GLU D 92 -20.12 -22.15 -4.99
CA GLU D 92 -18.96 -22.85 -5.54
C GLU D 92 -18.48 -22.19 -6.83
N VAL D 93 -19.40 -21.73 -7.67
CA VAL D 93 -19.01 -21.02 -8.88
C VAL D 93 -18.22 -19.77 -8.54
N GLU D 94 -18.73 -18.98 -7.58
CA GLU D 94 -18.08 -17.73 -7.23
C GLU D 94 -16.77 -17.97 -6.50
N ASP D 95 -16.72 -19.01 -5.67
CA ASP D 95 -15.45 -19.38 -5.02
C ASP D 95 -14.38 -19.72 -6.04
N ALA D 96 -14.73 -20.48 -7.08
CA ALA D 96 -13.75 -20.86 -8.08
C ALA D 96 -13.20 -19.64 -8.81
N ILE D 97 -14.06 -18.68 -9.12
CA ILE D 97 -13.61 -17.46 -9.79
C ILE D 97 -12.77 -16.61 -8.85
N SER D 98 -13.19 -16.49 -7.59
CA SER D 98 -12.51 -15.59 -6.66
C SER D 98 -11.28 -16.19 -6.02
N GLN D 99 -11.12 -17.52 -6.06
CA GLN D 99 -9.95 -18.17 -5.48
C GLN D 99 -8.79 -18.04 -6.45
N THR D 100 -8.22 -16.84 -6.49
CA THR D 100 -7.18 -16.51 -7.46
C THR D 100 -5.88 -17.27 -7.22
N SER D 101 -5.71 -17.91 -6.06
CA SER D 101 -4.52 -18.71 -5.82
C SER D 101 -4.51 -20.01 -6.62
N GLN D 102 -5.61 -20.34 -7.29
CA GLN D 102 -5.73 -21.59 -8.03
C GLN D 102 -5.84 -21.31 -9.53
N THR D 103 -5.18 -22.14 -10.33
CA THR D 103 -5.41 -22.13 -11.76
C THR D 103 -6.88 -22.44 -12.05
N LEU D 104 -7.47 -21.68 -12.97
CA LEU D 104 -8.89 -21.80 -13.31
C LEU D 104 -9.03 -22.14 -14.78
N GLN D 105 -9.62 -23.31 -15.06
CA GLN D 105 -9.92 -23.72 -16.42
C GLN D 105 -11.40 -23.46 -16.70
N LEU D 106 -11.69 -22.85 -17.85
CA LEU D 106 -13.03 -22.44 -18.20
C LEU D 106 -13.39 -22.90 -19.60
N LEU D 107 -14.61 -23.39 -19.76
CA LEU D 107 -15.21 -23.65 -21.07
C LEU D 107 -16.21 -22.53 -21.35
N ILE D 108 -15.94 -21.72 -22.36
CA ILE D 108 -16.64 -20.46 -22.58
C ILE D 108 -17.43 -20.54 -23.87
N GLU D 109 -18.73 -20.26 -23.79
CA GLU D 109 -19.58 -20.14 -24.97
C GLU D 109 -19.65 -18.68 -25.37
N HIS D 110 -19.25 -18.37 -26.59
N HIS D 110 -19.25 -18.37 -26.59
CA HIS D 110 -19.22 -17.01 -27.08
CA HIS D 110 -19.24 -16.98 -27.07
C HIS D 110 -20.55 -16.61 -27.72
C HIS D 110 -20.63 -16.53 -27.48
N GLN E 18 30.71 36.97 16.48
CA GLN E 18 31.57 37.11 15.30
C GLN E 18 30.91 36.49 14.07
N LEU E 19 30.52 35.23 14.18
CA LEU E 19 29.88 34.53 13.07
C LEU E 19 28.40 34.87 13.02
N PRO E 20 27.78 34.84 11.84
CA PRO E 20 26.38 35.23 11.71
C PRO E 20 25.46 34.28 12.47
N TYR E 21 24.55 34.87 13.25
CA TYR E 21 23.50 34.14 13.95
C TYR E 21 22.18 34.37 13.23
N SER E 22 21.51 33.30 12.85
CA SER E 22 20.35 33.38 11.97
C SER E 22 19.18 32.60 12.53
N VAL E 23 17.98 33.11 12.30
CA VAL E 23 16.74 32.55 12.81
C VAL E 23 15.68 32.69 11.71
N THR E 24 14.95 31.61 11.45
CA THR E 24 14.00 31.57 10.34
C THR E 24 12.64 31.06 10.82
N LEU E 25 11.59 31.76 10.42
CA LEU E 25 10.22 31.36 10.68
C LEU E 25 9.61 30.77 9.41
N ILE E 26 9.20 29.50 9.46
CA ILE E 26 8.61 28.83 8.31
C ILE E 26 7.23 28.31 8.67
N SER E 27 6.39 28.19 7.64
CA SER E 27 5.06 27.60 7.76
C SER E 27 5.00 26.38 6.85
N MET E 28 4.77 25.21 7.43
CA MET E 28 4.73 23.97 6.66
C MET E 28 3.28 23.56 6.44
N PRO E 29 2.83 23.42 5.20
CA PRO E 29 1.42 23.10 4.95
C PRO E 29 1.08 21.69 5.37
N ALA E 30 -0.23 21.43 5.47
CA ALA E 30 -0.71 20.08 5.75
C ALA E 30 -0.24 19.12 4.67
N THR E 31 0.06 17.89 5.09
CA THR E 31 0.56 16.85 4.19
C THR E 31 -0.02 15.52 4.65
N THR E 32 0.49 14.43 4.08
CA THR E 32 0.03 13.10 4.44
C THR E 32 0.89 12.52 5.56
N GLU E 33 0.38 11.45 6.17
CA GLU E 33 1.01 10.90 7.37
C GLU E 33 2.44 10.46 7.09
N GLY E 34 3.34 10.80 8.01
CA GLY E 34 4.73 10.41 7.89
C GLY E 34 5.56 11.25 6.94
N ARG E 35 4.97 12.23 6.27
CA ARG E 35 5.66 13.05 5.28
C ARG E 35 5.90 14.47 5.76
N ARG E 36 5.97 14.69 7.08
CA ARG E 36 6.32 16.01 7.59
C ARG E 36 7.68 16.45 7.07
N GLY E 37 8.60 15.50 6.88
CA GLY E 37 9.89 15.78 6.29
C GLY E 37 11.06 15.90 7.25
N PHE E 38 10.82 15.81 8.56
CA PHE E 38 11.92 15.88 9.50
C PHE E 38 11.52 15.19 10.79
N SER E 39 12.53 14.74 11.53
CA SER E 39 12.36 14.19 12.87
C SER E 39 13.13 15.06 13.86
N VAL E 40 12.78 14.93 15.14
CA VAL E 40 13.37 15.76 16.17
C VAL E 40 13.89 14.88 17.31
N SER E 41 14.86 15.43 18.03
CA SER E 41 15.32 14.90 19.31
C SER E 41 14.84 15.85 20.40
N VAL E 42 14.03 15.33 21.31
CA VAL E 42 13.43 16.14 22.37
C VAL E 42 14.13 15.79 23.68
N GLU E 43 14.72 16.78 24.32
CA GLU E 43 15.34 16.63 25.63
C GLU E 43 14.33 17.04 26.68
N SER E 44 13.99 16.13 27.58
CA SER E 44 12.93 16.37 28.54
C SER E 44 13.33 17.42 29.55
N ALA E 45 12.35 18.21 29.98
CA ALA E 45 12.59 19.23 31.00
C ALA E 45 12.96 18.58 32.33
N SER E 46 13.79 19.28 33.09
CA SER E 46 14.15 18.89 34.45
C SER E 46 14.16 20.15 35.31
N SER E 47 14.40 19.97 36.61
CA SER E 47 14.49 21.11 37.52
C SER E 47 15.69 21.99 37.25
N ASN E 48 16.54 21.65 36.27
CA ASN E 48 17.68 22.46 35.90
C ASN E 48 17.70 22.89 34.44
N TYR E 49 16.99 22.20 33.56
CA TYR E 49 17.00 22.48 32.13
C TYR E 49 15.58 22.47 31.59
N ALA E 50 15.28 23.43 30.72
CA ALA E 50 13.98 23.47 30.05
C ALA E 50 13.95 22.51 28.87
N THR E 51 12.75 22.25 28.37
CA THR E 51 12.58 21.44 27.17
C THR E 51 13.35 22.04 26.01
N THR E 52 14.10 21.20 25.28
CA THR E 52 14.78 21.61 24.06
C THR E 52 14.43 20.65 22.94
N VAL E 53 14.36 21.19 21.73
CA VAL E 53 13.98 20.43 20.55
C VAL E 53 15.01 20.70 19.46
N GLN E 54 15.59 19.63 18.93
CA GLN E 54 16.64 19.75 17.91
C GLN E 54 16.28 18.86 16.73
N VAL E 55 16.46 19.40 15.53
CA VAL E 55 16.21 18.63 14.31
C VAL E 55 17.23 17.51 14.20
N LYS E 56 16.73 16.28 14.02
CA LYS E 56 17.58 15.09 13.94
C LYS E 56 17.91 14.71 12.51
N GLU E 57 16.89 14.38 11.72
CA GLU E 57 17.06 14.02 10.32
C GLU E 57 16.08 14.82 9.48
N VAL E 58 16.39 14.94 8.19
CA VAL E 58 15.58 15.70 7.25
C VAL E 58 15.48 14.91 5.96
N ASN E 59 14.26 14.71 5.47
CA ASN E 59 14.03 14.19 4.13
C ASN E 59 13.59 15.37 3.27
N ARG E 60 14.55 15.92 2.51
CA ARG E 60 14.30 17.15 1.77
C ARG E 60 13.23 16.96 0.69
N MET E 61 13.02 15.74 0.22
CA MET E 61 11.98 15.49 -0.78
C MET E 61 10.57 15.64 -0.20
N HIS E 62 10.40 15.52 1.11
CA HIS E 62 9.10 15.67 1.74
C HIS E 62 8.81 17.11 2.17
N ILE E 63 9.77 18.01 2.02
CA ILE E 63 9.60 19.41 2.41
C ILE E 63 9.34 20.24 1.16
N SER E 64 8.39 21.17 1.25
CA SER E 64 8.05 22.02 0.14
C SER E 64 9.28 22.82 -0.32
N PRO E 65 9.36 23.15 -1.61
CA PRO E 65 10.56 23.86 -2.11
C PRO E 65 10.90 25.14 -1.37
N ASN E 66 9.88 25.91 -0.94
CA ASN E 66 10.15 27.17 -0.26
C ASN E 66 10.89 26.95 1.06
N ASN E 67 10.58 25.87 1.77
CA ASN E 67 11.16 25.61 3.08
C ASN E 67 12.36 24.68 3.05
N ARG E 68 12.73 24.18 1.86
CA ARG E 68 13.70 23.08 1.78
C ARG E 68 15.06 23.47 2.34
N ASN E 69 15.45 24.73 2.23
CA ASN E 69 16.75 25.19 2.70
C ASN E 69 16.66 25.93 4.04
N ALA E 70 15.53 25.83 4.73
CA ALA E 70 15.33 26.54 5.99
C ALA E 70 15.35 25.64 7.21
N ILE E 71 15.56 24.34 7.04
CA ILE E 71 15.56 23.40 8.15
C ILE E 71 16.62 22.34 7.89
N HIS E 72 17.60 22.24 8.79
CA HIS E 72 18.74 21.36 8.62
C HIS E 72 18.93 20.51 9.87
N PRO E 73 19.54 19.33 9.72
CA PRO E 73 19.91 18.54 10.90
C PRO E 73 20.80 19.33 11.84
N GLY E 74 20.49 19.26 13.13
CA GLY E 74 21.22 19.99 14.15
C GLY E 74 20.62 21.34 14.51
N ASP E 75 19.66 21.82 13.75
CA ASP E 75 19.00 23.08 14.07
C ASP E 75 18.13 22.95 15.32
N ARG E 76 18.08 24.01 16.11
CA ARG E 76 17.22 24.07 17.28
C ARG E 76 15.87 24.67 16.88
N ILE E 77 14.80 24.03 17.32
CA ILE E 77 13.46 24.57 17.15
C ILE E 77 13.11 25.36 18.41
N LEU E 78 12.93 26.66 18.26
CA LEU E 78 12.68 27.54 19.40
C LEU E 78 11.20 27.66 19.73
N GLU E 79 10.34 27.66 18.72
CA GLU E 79 8.91 27.83 18.92
C GLU E 79 8.17 26.95 17.93
N ILE E 80 7.03 26.40 18.39
CA ILE E 80 6.16 25.58 17.57
C ILE E 80 4.77 26.21 17.60
N ASN E 81 4.26 26.55 16.42
CA ASN E 81 2.96 27.21 16.28
C ASN E 81 2.86 28.44 17.19
N GLY E 82 3.95 29.18 17.29
CA GLY E 82 3.98 30.40 18.09
C GLY E 82 4.26 30.21 19.55
N THR E 83 4.39 28.97 20.04
CA THR E 83 4.60 28.71 21.44
C THR E 83 6.06 28.31 21.69
N PRO E 84 6.75 28.98 22.62
CA PRO E 84 8.14 28.59 22.93
C PRO E 84 8.17 27.16 23.48
N VAL E 85 9.09 26.36 22.93
CA VAL E 85 9.14 24.95 23.29
C VAL E 85 9.59 24.74 24.73
N ARG E 86 10.21 25.75 25.35
CA ARG E 86 10.57 25.63 26.76
C ARG E 86 9.34 25.56 27.66
N THR E 87 8.16 25.88 27.15
CA THR E 87 6.91 25.76 27.90
C THR E 87 6.13 24.50 27.52
N LEU E 88 6.66 23.67 26.62
CA LEU E 88 5.95 22.52 26.09
C LEU E 88 6.49 21.23 26.69
N ARG E 89 5.59 20.25 26.82
CA ARG E 89 5.96 18.90 27.21
C ARG E 89 6.39 18.10 25.98
N VAL E 90 7.09 16.99 26.24
CA VAL E 90 7.56 16.13 25.16
C VAL E 90 6.39 15.68 24.28
N GLU E 91 5.30 15.24 24.92
CA GLU E 91 4.15 14.74 24.16
C GLU E 91 3.52 15.84 23.32
N GLU E 92 3.55 17.09 23.78
CA GLU E 92 3.00 18.19 23.01
C GLU E 92 3.87 18.51 21.80
N VAL E 93 5.19 18.41 21.96
CA VAL E 93 6.11 18.63 20.84
C VAL E 93 5.89 17.54 19.78
N GLU E 94 5.89 16.28 20.20
CA GLU E 94 5.74 15.18 19.24
C GLU E 94 4.39 15.22 18.54
N ASP E 95 3.33 15.60 19.27
CA ASP E 95 2.00 15.65 18.67
C ASP E 95 1.95 16.69 17.55
N ALA E 96 2.49 17.88 17.80
CA ALA E 96 2.41 18.95 16.80
C ALA E 96 3.11 18.54 15.51
N ILE E 97 4.27 17.89 15.61
CA ILE E 97 5.03 17.52 14.42
C ILE E 97 4.34 16.39 13.66
N SER E 98 3.83 15.38 14.38
CA SER E 98 3.25 14.21 13.74
C SER E 98 1.83 14.44 13.23
N GLN E 99 1.16 15.52 13.65
CA GLN E 99 -0.18 15.85 13.18
C GLN E 99 -0.07 16.52 11.81
N THR E 100 0.10 15.69 10.78
CA THR E 100 0.35 16.20 9.44
C THR E 100 -0.89 16.82 8.81
N SER E 101 -2.08 16.57 9.37
CA SER E 101 -3.30 17.20 8.86
C SER E 101 -3.36 18.68 9.19
N GLN E 102 -2.47 19.17 10.04
CA GLN E 102 -2.46 20.56 10.47
C GLN E 102 -1.23 21.28 9.92
N THR E 103 -1.39 22.57 9.63
CA THR E 103 -0.24 23.42 9.33
C THR E 103 0.69 23.49 10.54
N LEU E 104 2.00 23.46 10.27
CA LEU E 104 3.00 23.53 11.32
C LEU E 104 3.88 24.77 11.10
N GLN E 105 3.91 25.66 12.08
CA GLN E 105 4.76 26.84 12.06
C GLN E 105 5.92 26.62 13.01
N LEU E 106 7.13 26.87 12.53
CA LEU E 106 8.33 26.63 13.32
C LEU E 106 9.23 27.85 13.31
N LEU E 107 9.78 28.19 14.48
CA LEU E 107 10.85 29.16 14.60
C LEU E 107 12.15 28.37 14.77
N ILE E 108 13.01 28.40 13.77
CA ILE E 108 14.19 27.55 13.69
C ILE E 108 15.43 28.42 13.83
N GLU E 109 16.35 27.99 14.69
CA GLU E 109 17.61 28.69 14.90
C GLU E 109 18.73 27.97 14.18
N HIS E 110 19.48 28.71 13.37
CA HIS E 110 20.63 28.20 12.65
C HIS E 110 21.92 28.64 13.32
N ASP E 111 22.91 27.76 13.34
CA ASP E 111 24.22 28.11 13.88
C ASP E 111 25.30 27.17 13.33
N GLN F 18 -22.42 26.15 -31.33
CA GLN F 18 -23.03 26.98 -30.29
C GLN F 18 -22.40 26.70 -28.93
N LEU F 19 -22.38 25.42 -28.53
CA LEU F 19 -21.82 25.06 -27.24
C LEU F 19 -20.30 24.98 -27.31
N PRO F 20 -19.62 25.26 -26.20
CA PRO F 20 -18.15 25.29 -26.20
C PRO F 20 -17.54 23.91 -26.47
N TYR F 21 -16.56 23.88 -27.36
CA TYR F 21 -15.76 22.69 -27.63
C TYR F 21 -14.40 22.89 -26.98
N SER F 22 -14.00 21.95 -26.12
CA SER F 22 -12.83 22.12 -25.27
C SER F 22 -11.90 20.92 -25.36
N VAL F 23 -10.60 21.19 -25.30
CA VAL F 23 -9.57 20.18 -25.43
C VAL F 23 -8.46 20.52 -24.43
N THR F 24 -8.00 19.52 -23.69
CA THR F 24 -7.03 19.73 -22.62
C THR F 24 -5.88 18.76 -22.77
N LEU F 25 -4.65 19.28 -22.65
CA LEU F 25 -3.44 18.47 -22.64
C LEU F 25 -2.95 18.38 -21.20
N ILE F 26 -2.87 17.17 -20.67
CA ILE F 26 -2.44 16.97 -19.29
C ILE F 26 -1.25 16.04 -19.26
N SER F 27 -0.42 16.21 -18.24
CA SER F 27 0.71 15.33 -17.97
C SER F 27 0.48 14.67 -16.62
N MET F 28 0.38 13.34 -16.63
CA MET F 28 0.14 12.60 -15.40
C MET F 28 1.44 12.01 -14.93
N PRO F 29 1.90 12.34 -13.72
CA PRO F 29 3.22 11.86 -13.29
C PRO F 29 3.23 10.37 -13.05
N ALA F 30 4.44 9.82 -13.03
CA ALA F 30 4.61 8.41 -12.71
C ALA F 30 4.05 8.10 -11.32
N THR F 31 3.48 6.92 -11.17
CA THR F 31 2.88 6.50 -9.91
C THR F 31 3.13 5.00 -9.75
N THR F 32 2.49 4.41 -8.75
CA THR F 32 2.64 3.00 -8.48
C THR F 32 1.56 2.20 -9.21
N GLU F 33 1.76 0.88 -9.27
CA GLU F 33 0.90 0.01 -10.07
C GLU F 33 -0.55 0.12 -9.62
N GLY F 34 -1.45 0.21 -10.60
CA GLY F 34 -2.86 0.28 -10.34
C GLY F 34 -3.40 1.64 -9.94
N ARG F 35 -2.55 2.65 -9.79
CA ARG F 35 -2.97 3.97 -9.33
C ARG F 35 -2.94 5.01 -10.43
N ARG F 36 -3.07 4.60 -11.69
CA ARG F 36 -3.17 5.56 -12.79
C ARG F 36 -4.35 6.50 -12.60
N GLY F 37 -5.46 6.01 -12.04
CA GLY F 37 -6.59 6.84 -11.72
C GLY F 37 -7.73 6.81 -12.69
N PHE F 38 -7.61 6.10 -13.81
CA PHE F 38 -8.71 6.03 -14.77
C PHE F 38 -8.57 4.76 -15.59
N SER F 39 -9.71 4.31 -16.14
CA SER F 39 -9.78 3.22 -17.09
C SER F 39 -10.36 3.74 -18.39
N VAL F 40 -10.15 2.98 -19.47
CA VAL F 40 -10.58 3.40 -20.79
C VAL F 40 -11.38 2.29 -21.46
N SER F 41 -12.23 2.69 -22.41
CA SER F 41 -12.89 1.80 -23.34
C SER F 41 -12.28 2.03 -24.72
N VAL F 42 -11.67 0.98 -25.27
CA VAL F 42 -10.98 1.06 -26.57
C VAL F 42 -11.81 0.33 -27.61
N GLU F 43 -12.19 1.05 -28.66
CA GLU F 43 -12.89 0.46 -29.79
C GLU F 43 -11.86 0.15 -30.88
N SER F 44 -11.79 -1.12 -31.28
CA SER F 44 -10.75 -1.56 -32.20
C SER F 44 -11.00 -1.00 -33.60
N ALA F 45 -9.90 -0.71 -34.30
CA ALA F 45 -9.98 -0.23 -35.67
C ALA F 45 -10.53 -1.31 -36.61
N SER F 46 -11.22 -0.86 -37.65
CA SER F 46 -11.68 -1.72 -38.73
C SER F 46 -11.47 -0.98 -40.04
N SER F 47 -11.78 -1.66 -41.15
CA SER F 47 -11.66 -1.02 -42.45
C SER F 47 -12.66 0.13 -42.63
N ASN F 48 -13.50 0.41 -41.64
CA ASN F 48 -14.45 1.50 -41.71
C ASN F 48 -14.28 2.54 -40.61
N TYR F 49 -13.68 2.19 -39.48
CA TYR F 49 -13.54 3.10 -38.35
C TYR F 49 -12.13 2.99 -37.78
N ALA F 50 -11.56 4.14 -37.41
CA ALA F 50 -10.26 4.16 -36.76
C ALA F 50 -10.39 3.84 -35.28
N THR F 51 -9.24 3.56 -34.66
CA THR F 51 -9.19 3.33 -33.21
C THR F 51 -9.73 4.55 -32.46
N THR F 52 -10.58 4.30 -31.48
CA THR F 52 -11.09 5.34 -30.59
C THR F 52 -10.89 4.91 -29.14
N VAL F 53 -10.63 5.89 -28.27
CA VAL F 53 -10.36 5.65 -26.86
C VAL F 53 -11.23 6.60 -26.05
N GLN F 54 -12.01 6.05 -25.12
CA GLN F 54 -12.92 6.82 -24.29
C GLN F 54 -12.69 6.50 -22.82
N VAL F 55 -12.65 7.55 -22.00
CA VAL F 55 -12.50 7.36 -20.56
C VAL F 55 -13.76 6.70 -20.01
N LYS F 56 -13.58 5.58 -19.30
CA LYS F 56 -14.69 4.82 -18.76
C LYS F 56 -14.98 5.17 -17.31
N GLU F 57 -14.02 4.97 -16.42
CA GLU F 57 -14.17 5.30 -15.01
C GLU F 57 -12.98 6.12 -14.55
N VAL F 58 -13.18 6.86 -13.45
CA VAL F 58 -12.16 7.75 -12.90
C VAL F 58 -12.17 7.62 -11.37
N ASN F 59 -10.99 7.40 -10.80
CA ASN F 59 -10.79 7.48 -9.35
C ASN F 59 -10.06 8.79 -9.08
N ARG F 60 -10.82 9.81 -8.66
CA ARG F 60 -10.25 11.15 -8.53
C ARG F 60 -9.17 11.23 -7.46
N MET F 61 -9.20 10.33 -6.47
CA MET F 61 -8.17 10.34 -5.43
C MET F 61 -6.81 9.88 -5.95
N HIS F 62 -6.77 9.13 -7.05
CA HIS F 62 -5.51 8.69 -7.64
C HIS F 62 -4.97 9.65 -8.68
N ILE F 63 -5.69 10.72 -8.98
CA ILE F 63 -5.26 11.72 -9.96
C ILE F 63 -4.71 12.92 -9.20
N SER F 64 -3.58 13.45 -9.67
CA SER F 64 -2.96 14.58 -9.01
C SER F 64 -3.92 15.77 -8.97
N PRO F 65 -3.83 16.61 -7.94
CA PRO F 65 -4.77 17.74 -7.83
C PRO F 65 -4.83 18.63 -9.07
N ASN F 66 -3.69 18.84 -9.74
CA ASN F 66 -3.68 19.70 -10.92
C ASN F 66 -4.56 19.16 -12.04
N ASN F 67 -4.59 17.83 -12.20
CA ASN F 67 -5.31 17.19 -13.30
C ASN F 67 -6.70 16.71 -12.92
N ARG F 68 -7.10 16.87 -11.65
CA ARG F 68 -8.28 16.17 -11.16
C ARG F 68 -9.56 16.58 -11.89
N ASN F 69 -9.64 17.82 -12.37
CA ASN F 69 -10.82 18.30 -13.08
C ASN F 69 -10.65 18.32 -14.59
N ALA F 70 -9.61 17.68 -15.10
CA ALA F 70 -9.32 17.69 -16.53
C ALA F 70 -9.61 16.37 -17.23
N ILE F 71 -10.10 15.37 -16.50
CA ILE F 71 -10.37 14.05 -17.06
C ILE F 71 -11.62 13.50 -16.40
N HIS F 72 -12.65 13.24 -17.21
CA HIS F 72 -13.95 12.82 -16.73
C HIS F 72 -14.40 11.56 -17.48
N PRO F 73 -15.25 10.74 -16.86
CA PRO F 73 -15.84 9.61 -17.59
C PRO F 73 -16.57 10.10 -18.83
N GLY F 74 -16.36 9.39 -19.94
CA GLY F 74 -16.96 9.76 -21.21
C GLY F 74 -16.11 10.65 -22.08
N ASP F 75 -15.00 11.19 -21.56
CA ASP F 75 -14.10 12.00 -22.37
C ASP F 75 -13.36 11.14 -23.40
N ARG F 76 -13.12 11.71 -24.57
CA ARG F 76 -12.38 11.06 -25.62
C ARG F 76 -10.90 11.39 -25.49
N ILE F 77 -10.05 10.38 -25.57
CA ILE F 77 -8.61 10.58 -25.58
C ILE F 77 -8.15 10.62 -27.04
N LEU F 78 -7.63 11.77 -27.46
CA LEU F 78 -7.23 11.98 -28.84
C LEU F 78 -5.79 11.56 -29.11
N GLU F 79 -4.90 11.79 -28.14
CA GLU F 79 -3.48 11.53 -28.32
C GLU F 79 -2.90 10.99 -27.03
N ILE F 80 -1.96 10.06 -27.15
CA ILE F 80 -1.25 9.50 -26.00
C ILE F 80 0.24 9.72 -26.23
N ASN F 81 0.87 10.43 -25.30
CA ASN F 81 2.31 10.76 -25.41
C ASN F 81 2.63 11.38 -26.76
N GLY F 82 1.73 12.25 -27.25
CA GLY F 82 1.93 12.93 -28.50
C GLY F 82 1.53 12.17 -29.74
N THR F 83 1.08 10.91 -29.60
CA THR F 83 0.73 10.10 -30.76
C THR F 83 -0.79 10.01 -30.90
N PRO F 84 -1.35 10.34 -32.06
CA PRO F 84 -2.80 10.19 -32.25
C PRO F 84 -3.22 8.73 -32.11
N VAL F 85 -4.27 8.51 -31.32
CA VAL F 85 -4.69 7.14 -31.01
C VAL F 85 -5.27 6.45 -32.24
N ARG F 86 -5.66 7.21 -33.27
CA ARG F 86 -6.12 6.58 -34.51
C ARG F 86 -5.01 5.83 -35.23
N THR F 87 -3.75 6.03 -34.84
CA THR F 87 -2.63 5.29 -35.41
C THR F 87 -2.16 4.17 -34.50
N LEU F 88 -2.82 3.95 -33.37
CA LEU F 88 -2.40 2.99 -32.36
C LEU F 88 -3.31 1.75 -32.39
N ARG F 89 -2.71 0.62 -32.06
CA ARG F 89 -3.44 -0.63 -31.86
C ARG F 89 -3.99 -0.69 -30.44
N VAL F 90 -4.96 -1.57 -30.23
CA VAL F 90 -5.57 -1.74 -28.92
C VAL F 90 -4.51 -2.05 -27.87
N GLU F 91 -3.61 -2.99 -28.18
CA GLU F 91 -2.58 -3.37 -27.23
C GLU F 91 -1.64 -2.23 -26.90
N GLU F 92 -1.38 -1.34 -27.87
CA GLU F 92 -0.50 -0.20 -27.62
C GLU F 92 -1.17 0.83 -26.71
N VAL F 93 -2.48 1.04 -26.87
CA VAL F 93 -3.20 1.95 -25.98
C VAL F 93 -3.19 1.42 -24.55
N GLU F 94 -3.55 0.15 -24.38
CA GLU F 94 -3.60 -0.43 -23.04
C GLU F 94 -2.22 -0.46 -22.40
N ASP F 95 -1.18 -0.72 -23.20
CA ASP F 95 0.17 -0.77 -22.66
C ASP F 95 0.58 0.59 -22.10
N ALA F 96 0.35 1.66 -22.86
CA ALA F 96 0.78 3.00 -22.44
C ALA F 96 0.10 3.40 -21.13
N ILE F 97 -1.18 3.09 -20.99
CA ILE F 97 -1.92 3.49 -19.79
C ILE F 97 -1.47 2.68 -18.58
N SER F 98 -1.23 1.38 -18.75
CA SER F 98 -0.92 0.54 -17.60
C SER F 98 0.52 0.67 -17.11
N GLN F 99 1.43 1.24 -17.89
CA GLN F 99 2.82 1.38 -17.44
C GLN F 99 2.94 2.64 -16.57
N THR F 100 2.60 2.47 -15.29
CA THR F 100 2.52 3.60 -14.37
C THR F 100 3.89 4.16 -14.00
N SER F 101 4.98 3.45 -14.28
CA SER F 101 6.30 3.96 -13.96
C SER F 101 6.74 5.13 -14.85
N GLN F 102 6.00 5.43 -15.92
CA GLN F 102 6.34 6.49 -16.85
C GLN F 102 5.31 7.61 -16.76
N THR F 103 5.77 8.84 -17.03
CA THR F 103 4.85 9.94 -17.22
C THR F 103 3.93 9.65 -18.40
N LEU F 104 2.65 9.99 -18.26
CA LEU F 104 1.66 9.76 -19.30
C LEU F 104 1.08 11.11 -19.72
N GLN F 105 1.23 11.45 -21.00
CA GLN F 105 0.67 12.66 -21.55
C GLN F 105 -0.55 12.32 -22.39
N LEU F 106 -1.65 13.02 -22.15
CA LEU F 106 -2.91 12.75 -22.82
C LEU F 106 -3.48 14.05 -23.39
N LEU F 107 -3.98 13.97 -24.61
CA LEU F 107 -4.79 15.03 -25.20
C LEU F 107 -6.24 14.59 -25.11
N ILE F 108 -7.01 15.27 -24.25
CA ILE F 108 -8.35 14.85 -23.87
C ILE F 108 -9.36 15.81 -24.44
N GLU F 109 -10.40 15.28 -25.08
CA GLU F 109 -11.51 16.05 -25.62
C GLU F 109 -12.72 15.89 -24.70
N HIS F 110 -13.33 17.01 -24.34
CA HIS F 110 -14.50 16.98 -23.47
C HIS F 110 -15.79 17.10 -24.27
N GLN G 18 31.16 -34.49 2.13
CA GLN G 18 31.20 -34.55 3.59
C GLN G 18 30.06 -33.76 4.21
N LEU G 19 29.97 -32.48 3.87
CA LEU G 19 28.90 -31.64 4.39
C LEU G 19 27.64 -31.80 3.54
N PRO G 20 26.47 -31.62 4.13
CA PRO G 20 25.23 -31.82 3.37
C PRO G 20 25.09 -30.82 2.23
N TYR G 21 24.77 -31.34 1.05
CA TYR G 21 24.46 -30.52 -0.12
C TYR G 21 22.97 -30.58 -0.36
N SER G 22 22.33 -29.42 -0.44
CA SER G 22 20.88 -29.33 -0.45
C SER G 22 20.39 -28.46 -1.59
N VAL G 23 19.25 -28.84 -2.17
CA VAL G 23 18.66 -28.17 -3.31
C VAL G 23 17.14 -28.16 -3.09
N THR G 24 16.51 -27.01 -3.29
CA THR G 24 15.10 -26.85 -2.99
C THR G 24 14.36 -26.25 -4.17
N LEU G 25 13.22 -26.83 -4.51
CA LEU G 25 12.33 -26.30 -5.53
C LEU G 25 11.16 -25.63 -4.84
N ILE G 26 10.99 -24.32 -5.07
CA ILE G 26 9.92 -23.57 -4.42
C ILE G 26 9.07 -22.91 -5.49
N SER G 27 7.81 -22.69 -5.14
CA SER G 27 6.87 -21.96 -5.97
C SER G 27 6.43 -20.71 -5.22
N MET G 28 6.72 -19.54 -5.80
CA MET G 28 6.36 -18.28 -5.18
C MET G 28 5.11 -17.74 -5.83
N PRO G 29 4.03 -17.54 -5.09
CA PRO G 29 2.78 -17.12 -5.73
C PRO G 29 2.85 -15.70 -6.26
N ALA G 30 1.91 -15.39 -7.15
CA ALA G 30 1.80 -14.03 -7.67
C ALA G 30 1.60 -13.05 -6.53
N THR G 31 2.19 -11.87 -6.67
CA THR G 31 2.10 -10.83 -5.66
C THR G 31 2.01 -9.48 -6.37
N THR G 32 2.11 -8.40 -5.59
CA THR G 32 2.05 -7.06 -6.15
C THR G 32 3.45 -6.55 -6.45
N GLU G 33 3.51 -5.46 -7.21
CA GLU G 33 4.79 -4.95 -7.71
C GLU G 33 5.73 -4.61 -6.56
N GLY G 34 7.00 -5.00 -6.72
CA GLY G 34 8.03 -4.73 -5.75
C GLY G 34 8.05 -5.65 -4.56
N ARG G 35 7.12 -6.59 -4.46
CA ARG G 35 7.01 -7.47 -3.29
C ARG G 35 7.42 -8.90 -3.59
N ARG G 36 8.28 -9.11 -4.60
CA ARG G 36 8.80 -10.45 -4.85
C ARG G 36 9.54 -11.00 -3.63
N GLY G 37 10.22 -10.14 -2.88
CA GLY G 37 10.85 -10.53 -1.64
C GLY G 37 12.34 -10.81 -1.71
N PHE G 38 12.94 -10.74 -2.89
CA PHE G 38 14.38 -10.97 -2.98
C PHE G 38 14.92 -10.27 -4.22
N SER G 39 16.21 -9.98 -4.18
CA SER G 39 16.96 -9.46 -5.32
C SER G 39 18.08 -10.44 -5.66
N VAL G 40 18.60 -10.33 -6.87
CA VAL G 40 19.61 -11.26 -7.37
C VAL G 40 20.81 -10.50 -7.90
N SER G 41 21.95 -11.18 -7.91
CA SER G 41 23.15 -10.75 -8.61
C SER G 41 23.34 -11.67 -9.82
N VAL G 42 23.30 -11.11 -11.01
CA VAL G 42 23.41 -11.87 -12.25
C VAL G 42 24.78 -11.62 -12.86
N GLU G 43 25.54 -12.70 -13.04
CA GLU G 43 26.84 -12.65 -13.69
C GLU G 43 26.64 -13.02 -15.16
N SER G 44 27.03 -12.11 -16.06
CA SER G 44 26.75 -12.31 -17.47
C SER G 44 27.61 -13.43 -18.05
N ALA G 45 27.03 -14.16 -19.00
CA ALA G 45 27.76 -15.23 -19.68
C ALA G 45 28.90 -14.65 -20.52
N SER G 46 29.96 -15.45 -20.64
CA SER G 46 31.08 -15.13 -21.52
C SER G 46 31.52 -16.42 -22.21
N SER G 47 32.50 -16.30 -23.10
CA SER G 47 33.03 -17.48 -23.77
C SER G 47 33.74 -18.44 -22.82
N ASN G 48 33.83 -18.11 -21.53
CA ASN G 48 34.45 -18.99 -20.55
C ASN G 48 33.52 -19.39 -19.42
N TYR G 49 32.48 -18.62 -19.13
CA TYR G 49 31.58 -18.89 -18.01
C TYR G 49 30.14 -18.71 -18.46
N ALA G 50 29.27 -19.60 -17.99
CA ALA G 50 27.85 -19.49 -18.27
C ALA G 50 27.20 -18.49 -17.31
N THR G 51 25.98 -18.08 -17.65
CA THR G 51 25.20 -17.21 -16.78
C THR G 51 25.02 -17.84 -15.40
N THR G 52 25.25 -17.05 -14.36
CA THR G 52 25.00 -17.47 -12.99
C THR G 52 24.15 -16.43 -12.28
N VAL G 53 23.30 -16.91 -11.38
CA VAL G 53 22.35 -16.07 -10.65
C VAL G 53 22.47 -16.40 -9.18
N GLN G 54 22.70 -15.38 -8.36
CA GLN G 54 22.89 -15.55 -6.92
C GLN G 54 21.94 -14.63 -6.17
N VAL G 55 21.31 -15.17 -5.13
CA VAL G 55 20.42 -14.36 -4.30
C VAL G 55 21.24 -13.33 -3.54
N LYS G 56 20.85 -12.06 -3.68
CA LYS G 56 21.59 -10.95 -3.06
C LYS G 56 20.98 -10.53 -1.74
N GLU G 57 19.73 -10.07 -1.74
CA GLU G 57 19.05 -9.66 -0.52
C GLU G 57 17.68 -10.33 -0.45
N VAL G 58 17.15 -10.42 0.76
CA VAL G 58 15.87 -11.08 1.02
C VAL G 58 15.08 -10.25 2.02
N ASN G 59 13.82 -9.97 1.69
CA ASN G 59 12.86 -9.39 2.63
C ASN G 59 11.92 -10.52 3.03
N ARG G 60 12.17 -11.08 4.22
CA ARG G 60 11.43 -12.27 4.64
C ARG G 60 9.94 -11.99 4.82
N MET G 61 9.57 -10.74 5.10
CA MET G 61 8.16 -10.39 5.26
C MET G 61 7.41 -10.43 3.93
N HIS G 62 8.09 -10.31 2.80
CA HIS G 62 7.46 -10.38 1.50
C HIS G 62 7.41 -11.78 0.93
N ILE G 63 8.02 -12.75 1.60
CA ILE G 63 8.02 -14.14 1.15
C ILE G 63 6.99 -14.90 1.97
N SER G 64 6.21 -15.74 1.30
CA SER G 64 5.17 -16.50 1.98
C SER G 64 5.80 -17.37 3.07
N PRO G 65 5.07 -17.61 4.16
CA PRO G 65 5.64 -18.40 5.27
C PRO G 65 6.17 -19.77 4.84
N ASN G 66 5.51 -20.42 3.88
CA ASN G 66 5.95 -21.73 3.44
C ASN G 66 7.37 -21.68 2.85
N ASN G 67 7.68 -20.62 2.12
CA ASN G 67 8.98 -20.47 1.45
C ASN G 67 9.98 -19.67 2.24
N ARG G 68 9.59 -19.14 3.40
CA ARG G 68 10.40 -18.13 4.08
C ARG G 68 11.78 -18.65 4.48
N ASN G 69 11.89 -19.95 4.78
CA ASN G 69 13.16 -20.54 5.17
C ASN G 69 13.83 -21.31 4.04
N ALA G 70 13.37 -21.14 2.80
CA ALA G 70 13.90 -21.88 1.66
C ALA G 70 14.73 -21.02 0.72
N ILE G 71 14.90 -19.73 1.02
CA ILE G 71 15.65 -18.82 0.14
C ILE G 71 16.43 -17.84 1.03
N HIS G 72 17.75 -17.86 0.91
CA HIS G 72 18.62 -17.07 1.75
C HIS G 72 19.61 -16.27 0.91
N PRO G 73 20.08 -15.13 1.42
CA PRO G 73 21.16 -14.42 0.73
C PRO G 73 22.36 -15.32 0.50
N GLY G 74 22.90 -15.28 -0.71
CA GLY G 74 24.03 -16.11 -1.08
C GLY G 74 23.66 -17.41 -1.76
N ASP G 75 22.39 -17.80 -1.76
CA ASP G 75 21.99 -19.00 -2.48
C ASP G 75 22.10 -18.75 -3.98
N ARG G 76 22.53 -19.78 -4.70
CA ARG G 76 22.62 -19.72 -6.16
C ARG G 76 21.33 -20.28 -6.74
N ILE G 77 20.77 -19.57 -7.71
CA ILE G 77 19.55 -20.03 -8.39
C ILE G 77 19.93 -20.80 -9.64
N LEU G 78 19.55 -22.09 -9.67
CA LEU G 78 19.92 -22.99 -10.76
C LEU G 78 18.92 -22.96 -11.91
N GLU G 79 17.63 -22.85 -11.62
CA GLU G 79 16.60 -22.90 -12.65
C GLU G 79 15.49 -21.92 -12.33
N ILE G 80 14.93 -21.30 -13.36
CA ILE G 80 13.79 -20.39 -13.23
C ILE G 80 12.67 -20.92 -14.11
N ASN G 81 11.52 -21.19 -13.49
CA ASN G 81 10.35 -21.75 -14.19
C ASN G 81 10.73 -22.97 -15.02
N GLY G 82 11.60 -23.81 -14.46
CA GLY G 82 12.00 -25.03 -15.11
C GLY G 82 13.13 -24.90 -16.11
N THR G 83 13.63 -23.67 -16.35
CA THR G 83 14.69 -23.47 -17.34
C THR G 83 16.02 -23.23 -16.65
N PRO G 84 17.06 -23.98 -16.97
CA PRO G 84 18.38 -23.73 -16.38
C PRO G 84 18.87 -22.33 -16.74
N VAL G 85 19.35 -21.60 -15.71
CA VAL G 85 19.74 -20.22 -15.93
C VAL G 85 20.99 -20.10 -16.81
N ARG G 86 21.76 -21.17 -16.96
CA ARG G 86 22.89 -21.14 -17.88
C ARG G 86 22.48 -20.99 -19.33
N THR G 87 21.20 -21.18 -19.66
CA THR G 87 20.69 -20.96 -21.01
C THR G 87 19.98 -19.62 -21.15
N LEU G 88 19.96 -18.81 -20.10
CA LEU G 88 19.20 -17.57 -20.09
C LEU G 88 20.13 -16.36 -20.21
N ARG G 89 19.62 -15.31 -20.83
CA ARG G 89 20.32 -14.04 -20.86
C ARG G 89 20.00 -13.24 -19.60
N VAL G 90 20.84 -12.23 -19.33
CA VAL G 90 20.65 -11.39 -18.15
C VAL G 90 19.25 -10.77 -18.16
N GLU G 91 18.84 -10.23 -19.31
CA GLU G 91 17.54 -9.58 -19.39
C GLU G 91 16.40 -10.56 -19.17
N GLU G 92 16.57 -11.82 -19.56
CA GLU G 92 15.53 -12.82 -19.34
C GLU G 92 15.43 -13.19 -17.86
N VAL G 93 16.57 -13.26 -17.17
CA VAL G 93 16.55 -13.52 -15.73
C VAL G 93 15.86 -12.38 -14.99
N GLU G 94 16.25 -11.14 -15.28
CA GLU G 94 15.66 -9.99 -14.62
C GLU G 94 14.17 -9.87 -14.92
N ASP G 95 13.77 -10.16 -16.16
CA ASP G 95 12.36 -10.08 -16.54
C ASP G 95 11.52 -11.06 -15.73
N ALA G 96 11.97 -12.31 -15.62
CA ALA G 96 11.20 -13.33 -14.92
C ALA G 96 10.99 -12.98 -13.46
N ILE G 97 12.03 -12.44 -12.81
CA ILE G 97 11.93 -12.11 -11.39
C ILE G 97 11.01 -10.92 -11.17
N SER G 98 11.09 -9.91 -12.04
CA SER G 98 10.31 -8.68 -11.87
C SER G 98 8.85 -8.85 -12.26
N GLN G 99 8.48 -9.92 -12.96
CA GLN G 99 7.10 -10.17 -13.36
C GLN G 99 6.35 -10.78 -12.16
N THR G 100 5.95 -9.91 -11.24
CA THR G 100 5.32 -10.35 -10.01
C THR G 100 3.89 -10.83 -10.21
N SER G 101 3.27 -10.52 -11.35
CA SER G 101 1.90 -10.97 -11.60
C SER G 101 1.80 -12.46 -11.87
N GLN G 102 2.91 -13.16 -12.08
CA GLN G 102 2.92 -14.58 -12.36
C GLN G 102 3.59 -15.35 -11.23
N THR G 103 3.15 -16.60 -11.05
CA THR G 103 3.85 -17.51 -10.17
C THR G 103 5.29 -17.68 -10.67
N LEU G 104 6.23 -17.71 -9.72
CA LEU G 104 7.64 -17.88 -10.03
C LEU G 104 8.13 -19.15 -9.36
N GLN G 105 8.64 -20.08 -10.17
CA GLN G 105 9.21 -21.32 -9.68
C GLN G 105 10.72 -21.25 -9.77
N LEU G 106 11.39 -21.58 -8.66
CA LEU G 106 12.84 -21.49 -8.57
C LEU G 106 13.41 -22.79 -8.05
N LEU G 107 14.51 -23.23 -8.65
CA LEU G 107 15.31 -24.31 -8.11
C LEU G 107 16.52 -23.66 -7.43
N ILE G 108 16.54 -23.73 -6.10
CA ILE G 108 17.51 -23.00 -5.30
C ILE G 108 18.48 -23.99 -4.67
N GLU G 109 19.77 -23.69 -4.77
CA GLU G 109 20.81 -24.52 -4.18
C GLU G 109 21.32 -23.87 -2.89
N HIS G 110 21.36 -24.65 -1.82
CA HIS G 110 21.89 -24.21 -0.53
C HIS G 110 23.27 -24.83 -0.36
N ASP G 111 24.31 -24.00 -0.41
CA ASP G 111 25.67 -24.50 -0.22
C ASP G 111 26.37 -23.74 0.90
N GLN H 18 46.48 4.37 -21.31
CA GLN H 18 46.63 2.91 -21.29
C GLN H 18 45.27 2.23 -21.33
N LEU H 19 44.45 2.44 -20.27
CA LEU H 19 43.12 1.88 -20.27
C LEU H 19 42.14 2.82 -20.94
N PRO H 20 41.06 2.30 -21.52
CA PRO H 20 40.07 3.17 -22.18
C PRO H 20 39.36 4.06 -21.18
N TYR H 21 39.16 5.32 -21.57
CA TYR H 21 38.46 6.31 -20.77
C TYR H 21 37.16 6.66 -21.50
N SER H 22 36.03 6.31 -20.90
CA SER H 22 34.74 6.43 -21.56
C SER H 22 33.85 7.40 -20.80
N VAL H 23 33.10 8.22 -21.55
CA VAL H 23 32.19 9.21 -21.00
C VAL H 23 30.86 9.09 -21.73
N THR H 24 29.77 9.02 -20.99
CA THR H 24 28.44 8.80 -21.55
C THR H 24 27.47 9.86 -21.04
N LEU H 25 26.68 10.42 -21.95
CA LEU H 25 25.63 11.38 -21.62
C LEU H 25 24.28 10.68 -21.75
N ILE H 26 23.52 10.64 -20.65
CA ILE H 26 22.22 10.00 -20.65
C ILE H 26 21.18 10.98 -20.10
N SER H 27 19.92 10.72 -20.45
CA SER H 27 18.78 11.46 -19.93
C SER H 27 17.81 10.46 -19.32
N MET H 28 17.58 10.58 -18.01
CA MET H 28 16.70 9.66 -17.30
C MET H 28 15.34 10.30 -17.10
N PRO H 29 14.26 9.74 -17.67
CA PRO H 29 12.95 10.37 -17.54
C PRO H 29 12.47 10.34 -16.09
N ALA H 30 11.50 11.22 -15.81
CA ALA H 30 10.89 11.25 -14.50
C ALA H 30 10.29 9.89 -14.15
N THR H 31 10.35 9.55 -12.87
CA THR H 31 9.86 8.27 -12.36
C THR H 31 9.23 8.52 -11.00
N THR H 32 8.89 7.44 -10.29
CA THR H 32 8.26 7.58 -9.00
C THR H 32 9.30 7.76 -7.90
N GLU H 33 8.82 8.17 -6.73
CA GLU H 33 9.71 8.47 -5.60
C GLU H 33 10.52 7.24 -5.20
N GLY H 34 11.83 7.44 -5.04
CA GLY H 34 12.72 6.38 -4.61
C GLY H 34 13.17 5.43 -5.70
N ARG H 35 12.82 5.67 -6.95
CA ARG H 35 13.09 4.73 -8.04
C ARG H 35 14.02 5.32 -9.10
N ARG H 36 14.85 6.30 -8.73
CA ARG H 36 15.83 6.82 -9.68
C ARG H 36 16.74 5.70 -10.19
N GLY H 37 17.01 4.69 -9.37
CA GLY H 37 17.76 3.53 -9.79
C GLY H 37 19.20 3.48 -9.36
N PHE H 38 19.69 4.49 -8.64
CA PHE H 38 21.06 4.47 -8.16
C PHE H 38 21.20 5.43 -7.00
N SER H 39 22.22 5.19 -6.18
CA SER H 39 22.62 6.09 -5.11
C SER H 39 24.08 6.48 -5.33
N VAL H 40 24.52 7.52 -4.62
CA VAL H 40 25.86 8.06 -4.79
C VAL H 40 26.54 8.23 -3.45
N SER H 41 27.87 8.23 -3.49
CA SER H 41 28.71 8.68 -2.39
C SER H 41 29.38 9.98 -2.83
N VAL H 42 29.14 11.05 -2.07
CA VAL H 42 29.63 12.38 -2.41
C VAL H 42 30.77 12.75 -1.48
N GLU H 43 31.94 13.03 -2.06
CA GLU H 43 33.10 13.48 -1.30
C GLU H 43 33.22 14.98 -1.42
N SER H 44 33.39 15.66 -0.29
CA SER H 44 33.44 17.11 -0.22
C SER H 44 34.77 17.51 0.43
N ALA H 45 35.78 17.73 -0.41
CA ALA H 45 37.12 18.08 0.09
C ALA H 45 37.08 19.40 0.85
N SER H 46 36.74 20.48 0.16
CA SER H 46 36.70 21.81 0.76
C SER H 46 35.27 22.34 0.77
N SER H 47 34.96 23.13 1.80
CA SER H 47 33.66 23.74 1.99
C SER H 47 32.58 22.66 1.94
N ASN H 48 31.41 22.98 1.39
CA ASN H 48 30.33 22.01 1.24
C ASN H 48 30.06 21.70 -0.24
N TYR H 49 31.07 21.85 -1.08
CA TYR H 49 30.95 21.54 -2.49
C TYR H 49 31.25 20.06 -2.74
N ALA H 50 30.55 19.50 -3.73
CA ALA H 50 30.77 18.10 -4.12
C ALA H 50 32.05 18.02 -4.95
N THR H 51 33.11 17.46 -4.36
CA THR H 51 34.35 17.28 -5.11
C THR H 51 34.22 16.17 -6.14
N THR H 52 33.87 14.96 -5.69
CA THR H 52 33.63 13.84 -6.58
C THR H 52 32.31 13.18 -6.23
N VAL H 53 31.55 12.81 -7.26
CA VAL H 53 30.29 12.10 -7.11
C VAL H 53 30.46 10.74 -7.76
N GLN H 54 30.36 9.68 -6.96
CA GLN H 54 30.61 8.31 -7.42
C GLN H 54 29.35 7.49 -7.24
N VAL H 55 28.98 6.73 -8.28
CA VAL H 55 27.82 5.86 -8.20
C VAL H 55 28.13 4.73 -7.22
N LYS H 56 27.28 4.60 -6.20
CA LYS H 56 27.49 3.59 -5.17
C LYS H 56 26.76 2.29 -5.50
N GLU H 57 25.43 2.34 -5.62
CA GLU H 57 24.62 1.17 -5.90
C GLU H 57 23.74 1.43 -7.11
N VAL H 58 23.39 0.36 -7.82
CA VAL H 58 22.55 0.45 -9.00
C VAL H 58 21.48 -0.63 -8.95
N ASN H 59 20.23 -0.23 -9.15
CA ASN H 59 19.11 -1.16 -9.28
C ASN H 59 18.64 -1.10 -10.73
N ARG H 60 19.06 -2.08 -11.53
CA ARG H 60 18.86 -2.00 -12.98
C ARG H 60 17.38 -1.93 -13.34
N MET H 61 16.53 -2.63 -12.59
CA MET H 61 15.11 -2.66 -12.93
C MET H 61 14.40 -1.34 -12.67
N HIS H 62 15.03 -0.40 -11.97
CA HIS H 62 14.47 0.94 -11.80
C HIS H 62 14.88 1.88 -12.92
N ILE H 63 15.76 1.44 -13.81
CA ILE H 63 16.29 2.25 -14.90
C ILE H 63 15.62 1.84 -16.20
N SER H 64 15.28 2.83 -17.03
CA SER H 64 14.66 2.55 -18.30
C SER H 64 15.58 1.66 -19.15
N PRO H 65 15.01 0.81 -20.01
CA PRO H 65 15.84 -0.10 -20.81
C PRO H 65 16.96 0.58 -21.59
N ASN H 66 16.70 1.76 -22.16
CA ASN H 66 17.72 2.42 -22.97
C ASN H 66 18.94 2.79 -22.14
N ASN H 67 18.76 3.11 -20.87
CA ASN H 67 19.84 3.54 -19.99
C ASN H 67 20.33 2.44 -19.05
N ARG H 68 19.70 1.27 -19.08
CA ARG H 68 19.95 0.24 -18.06
C ARG H 68 21.42 -0.19 -18.03
N ASN H 69 22.11 -0.15 -19.16
CA ASN H 69 23.50 -0.56 -19.25
C ASN H 69 24.46 0.63 -19.33
N ALA H 70 24.00 1.82 -18.95
CA ALA H 70 24.79 3.03 -19.07
C ALA H 70 25.34 3.56 -17.75
N ILE H 71 24.97 2.96 -16.62
CA ILE H 71 25.42 3.43 -15.32
C ILE H 71 25.73 2.23 -14.43
N HIS H 72 26.92 2.22 -13.85
CA HIS H 72 27.42 1.09 -13.08
C HIS H 72 28.01 1.57 -11.76
N PRO H 73 28.02 0.71 -10.75
CA PRO H 73 28.74 1.03 -9.51
C PRO H 73 30.20 1.35 -9.80
N GLY H 74 30.71 2.39 -9.14
CA GLY H 74 32.05 2.86 -9.38
C GLY H 74 32.17 3.95 -10.42
N ASP H 75 31.14 4.14 -11.25
CA ASP H 75 31.13 5.25 -12.19
C ASP H 75 31.10 6.57 -11.44
N ARG H 76 31.67 7.60 -12.06
CA ARG H 76 31.71 8.94 -11.47
C ARG H 76 30.79 9.85 -12.27
N ILE H 77 29.98 10.64 -11.59
CA ILE H 77 29.09 11.60 -12.23
C ILE H 77 29.84 12.92 -12.36
N LEU H 78 30.11 13.33 -13.59
CA LEU H 78 30.85 14.55 -13.84
C LEU H 78 29.95 15.78 -13.91
N GLU H 79 28.76 15.66 -14.50
CA GLU H 79 27.87 16.79 -14.67
C GLU H 79 26.43 16.35 -14.45
N ILE H 80 25.64 17.25 -13.85
CA ILE H 80 24.22 17.02 -13.62
C ILE H 80 23.46 18.11 -14.37
N ASN H 81 22.67 17.70 -15.36
CA ASN H 81 21.92 18.63 -16.22
C ASN H 81 22.83 19.72 -16.78
N GLY H 82 24.05 19.34 -17.15
CA GLY H 82 24.99 20.27 -17.75
C GLY H 82 25.85 21.04 -16.79
N THR H 83 25.69 20.86 -15.48
CA THR H 83 26.50 21.61 -14.53
C THR H 83 27.58 20.72 -13.93
N PRO H 84 28.85 21.13 -13.99
CA PRO H 84 29.91 20.35 -13.34
C PRO H 84 29.68 20.26 -11.84
N VAL H 85 29.83 19.05 -11.30
CA VAL H 85 29.43 18.78 -9.92
C VAL H 85 30.28 19.53 -8.90
N ARG H 86 31.51 19.92 -9.26
CA ARG H 86 32.37 20.61 -8.30
C ARG H 86 31.84 22.00 -7.94
N THR H 87 30.89 22.54 -8.70
CA THR H 87 30.28 23.83 -8.40
C THR H 87 28.95 23.71 -7.66
N LEU H 88 28.52 22.49 -7.34
CA LEU H 88 27.27 22.25 -6.64
C LEU H 88 27.54 21.87 -5.18
N ARG H 89 26.64 22.28 -4.30
CA ARG H 89 26.69 21.84 -2.92
C ARG H 89 26.24 20.38 -2.81
N VAL H 90 26.66 19.74 -1.72
CA VAL H 90 26.34 18.33 -1.52
C VAL H 90 24.83 18.12 -1.55
N GLU H 91 24.06 19.03 -0.92
CA GLU H 91 22.62 18.89 -0.90
C GLU H 91 22.02 19.01 -2.29
N GLU H 92 22.58 19.88 -3.12
CA GLU H 92 22.05 20.08 -4.47
C GLU H 92 22.24 18.83 -5.34
N VAL H 93 23.38 18.17 -5.21
CA VAL H 93 23.61 16.92 -5.94
C VAL H 93 22.58 15.87 -5.55
N GLU H 94 22.39 15.68 -4.24
CA GLU H 94 21.48 14.63 -3.79
C GLU H 94 20.02 14.99 -4.08
N ASP H 95 19.68 16.28 -3.99
CA ASP H 95 18.34 16.71 -4.38
C ASP H 95 18.06 16.38 -5.84
N ALA H 96 19.03 16.62 -6.72
CA ALA H 96 18.82 16.37 -8.15
C ALA H 96 18.57 14.88 -8.41
N ILE H 97 19.30 14.01 -7.72
CA ILE H 97 19.11 12.58 -7.89
C ILE H 97 17.77 12.14 -7.32
N SER H 98 17.40 12.66 -6.15
CA SER H 98 16.21 12.18 -5.46
C SER H 98 14.93 12.82 -5.96
N GLN H 99 15.01 13.95 -6.68
CA GLN H 99 13.82 14.62 -7.20
C GLN H 99 13.38 13.89 -8.46
N THR H 100 12.74 12.73 -8.25
CA THR H 100 12.36 11.86 -9.35
C THR H 100 11.26 12.43 -10.22
N SER H 101 10.59 13.50 -9.78
CA SER H 101 9.60 14.15 -10.62
C SER H 101 10.21 14.90 -11.78
N GLN H 102 11.54 15.05 -11.80
CA GLN H 102 12.25 15.81 -12.83
C GLN H 102 13.09 14.87 -13.69
N THR H 103 13.11 15.13 -14.99
CA THR H 103 14.08 14.48 -15.86
C THR H 103 15.49 14.83 -15.41
N LEU H 104 16.37 13.83 -15.38
CA LEU H 104 17.73 14.00 -14.90
C LEU H 104 18.72 13.63 -16.01
N GLN H 105 19.53 14.60 -16.43
CA GLN H 105 20.58 14.37 -17.40
C GLN H 105 21.91 14.22 -16.68
N LEU H 106 22.68 13.21 -17.06
CA LEU H 106 23.93 12.88 -16.37
C LEU H 106 25.04 12.69 -17.38
N LEU H 107 26.22 13.23 -17.06
CA LEU H 107 27.46 12.95 -17.78
C LEU H 107 28.27 12.00 -16.90
N ILE H 108 28.47 10.78 -17.37
CA ILE H 108 28.97 9.69 -16.55
C ILE H 108 30.33 9.25 -17.07
N GLU H 109 31.33 9.25 -16.19
CA GLU H 109 32.65 8.73 -16.49
C GLU H 109 32.72 7.28 -16.01
N HIS H 110 32.94 6.35 -16.94
N HIS H 110 32.96 6.36 -16.94
CA HIS H 110 32.97 4.93 -16.60
CA HIS H 110 33.03 4.94 -16.62
C HIS H 110 34.34 4.52 -16.08
C HIS H 110 34.44 4.52 -16.24
#